data_9AXC
#
_entry.id   9AXC
#
_cell.length_a   1.00
_cell.length_b   1.00
_cell.length_c   1.00
_cell.angle_alpha   90.00
_cell.angle_beta   90.00
_cell.angle_gamma   90.00
#
_symmetry.space_group_name_H-M   'P 1'
#
loop_
_entity.id
_entity.type
_entity.pdbx_description
1 polymer 'GST26/CRAF chimera'
2 polymer 'Dual specificity mitogen-activated protein kinase kinase 1'
3 non-polymer "N-[3-fluoro-4-({7-[(3-fluoropyridin-2-yl)oxy]-4-methyl-2-oxo-2H-1-benzopyran-3-yl}methyl)pyridin-2-yl]-N'-methylsulfuric diamide"
#
loop_
_entity_poly.entity_id
_entity_poly.type
_entity_poly.pdbx_seq_one_letter_code
_entity_poly.pdbx_strand_id
1 'polypeptide(L)'
;MSPILGYWKIKGLVQPTRLLLEYLEEKYEEHLYERDEGDKWRNKKFELGLEFPNLPYYIDGDVKLTQSMAIIRYIADKHN
MLGGCPKERAEISMLEGAVLDIRYGVSRIAYSKDFETLKVDFLSKLPEMLKMFEDRLCHKTYLNGDHVTHPDFMLYDALD
VVLYMDPMCLDAFPKLVCFKKRIEAIPQIDKYLKSSKYIAWPLQGWQATFGGGDHPPKSDSQPKTPVPAQRERAPVSGTQ
EKNKIRPRGQRDSSDDWEIEASEVMLSTRIGSGSFGTVYKGKWHGDVAVKILKVVDPTPEQFQAFRNEVAVLRKTRHVNI
LLFMGYMTKDNLAIVTQWCEGSSLYKHLHVQETKFQMFQLIDIARQTAQGMDYLHAKNIIHRDMKSNNIFLHEGLTVKIG
DFGLATVKSRWSGSQQVEQPTGSVLWMAPEVIRMQDNNPFSFQSDVYSYGIVLYELMTGELPYSHINNRDQIIFMVGRGY
ASPDLSKLYKNCPKAMKRLVADCVKKVKEERPLFPQILSSIELLQHSLPKINRSASEPSLHRAAHTEDINACTLTTSPRL
PVF
;
A,C
2 'polypeptide(L)'
;GMPKKKPTPIQLNPAPDGSAVNGTSSAETNLEALQKKLEELELDEQQRKRLEAFLTQKQKVGELKDDDFEKISELGAGNG
GVVFKVSHKPSGLVMARKLIHLEIKPAIRNQIIRELQVLHECNSPYIVGFYGAFYSDGEISICMEHMDGGSLDQVLKKAG
RIPEQILGKVSIAVIKGLTYLREKHKIMHRDVKPSNILVNSRGEIKLCDFGVSGQLIDAMANAFVGTRSYMSPERLQGTH
YSVQSDIWSMGLSLVEMAVGRYPIPPPDAKELELMFGCQVEGDAAETPPRPRTPGRPLSSYGMDSRPPMAIFELLDYIVN
EPPPKLPSGVFSLEFQDFVNKCLIKNPAERADLKQLMVHAFIKRSDAEEVDFAGWLCSTIGLNQPSTPTHAAGV
;
B,D
#
loop_
_chem_comp.id
_chem_comp.type
_chem_comp.name
_chem_comp.formula
A1AHE non-polymer 'N-[3-fluoro-4-({7-[(3-fluoropyridin-2-yl)oxy]-4-methyl-2-oxo-2H-1-benzopyran-3-yl}methyl)pyridin-2-yl]-N'-methylsulfuric diamide' 'C22 H18 F2 N4 O5 S'
#
# COMPACT_ATOMS: atom_id res chain seq x y z
N TRP A 257 11.97 -0.52 14.57
CA TRP A 257 10.53 -0.35 14.39
C TRP A 257 9.84 -0.28 15.74
N GLU A 258 10.35 0.58 16.62
CA GLU A 258 9.84 0.69 17.98
C GLU A 258 8.75 1.75 18.05
N ILE A 259 7.62 1.39 18.65
CA ILE A 259 6.50 2.29 18.84
C ILE A 259 6.13 2.25 20.32
N GLU A 260 6.08 3.41 20.96
CA GLU A 260 5.76 3.48 22.38
C GLU A 260 4.23 3.46 22.53
N ALA A 261 3.76 3.14 23.73
CA ALA A 261 2.34 2.85 23.94
C ALA A 261 1.47 4.10 23.79
N SER A 262 2.01 5.27 24.14
CA SER A 262 1.16 6.45 24.31
C SER A 262 0.76 7.10 22.99
N GLU A 263 1.29 6.66 21.85
CA GLU A 263 0.85 7.25 20.59
C GLU A 263 -0.29 6.47 19.94
N VAL A 264 -0.44 5.20 20.27
CA VAL A 264 -1.46 4.35 19.69
C VAL A 264 -2.68 4.35 20.60
N MET A 265 -3.78 4.91 20.12
CA MET A 265 -5.04 4.92 20.85
C MET A 265 -5.94 3.80 20.32
N LEU A 266 -6.50 3.02 21.24
CA LEU A 266 -7.29 1.84 20.89
C LEU A 266 -8.75 2.26 20.81
N SER A 267 -9.24 2.53 19.60
CA SER A 267 -10.52 3.20 19.47
C SER A 267 -11.70 2.23 19.62
N THR A 268 -11.82 1.27 18.70
CA THR A 268 -12.96 0.37 18.67
C THR A 268 -12.50 -1.07 18.52
N ARG A 269 -13.35 -1.98 18.99
CA ARG A 269 -13.10 -3.42 18.90
C ARG A 269 -14.15 -4.01 17.96
N ILE A 270 -13.71 -4.80 17.00
CA ILE A 270 -14.61 -5.39 16.01
C ILE A 270 -14.95 -6.84 16.36
N THR A 277 -8.18 -9.07 21.03
CA THR A 277 -7.74 -9.84 19.87
C THR A 277 -7.33 -8.89 18.74
N VAL A 278 -8.31 -8.31 18.06
CA VAL A 278 -8.07 -7.33 17.00
C VAL A 278 -8.84 -6.06 17.35
N TYR A 279 -8.19 -4.91 17.16
CA TYR A 279 -8.74 -3.63 17.54
C TYR A 279 -8.49 -2.62 16.43
N LYS A 280 -9.51 -1.83 16.10
CA LYS A 280 -9.38 -0.74 15.15
C LYS A 280 -8.87 0.48 15.88
N GLY A 281 -7.59 0.81 15.70
CA GLY A 281 -6.96 1.92 16.36
C GLY A 281 -6.63 3.06 15.42
N LYS A 282 -6.10 4.13 16.02
CA LYS A 282 -5.73 5.34 15.30
C LYS A 282 -4.27 5.65 15.58
N TRP A 283 -3.45 5.60 14.53
CA TRP A 283 -2.03 5.95 14.63
C TRP A 283 -1.58 6.39 13.25
N HIS A 284 -1.48 7.72 13.05
CA HIS A 284 -1.11 8.34 11.77
C HIS A 284 -2.04 7.87 10.65
N GLY A 285 -3.31 7.67 10.98
CA GLY A 285 -4.24 7.00 10.09
C GLY A 285 -4.92 5.84 10.79
N ASP A 286 -5.93 5.32 10.10
CA ASP A 286 -6.63 4.14 10.61
C ASP A 286 -5.72 2.92 10.47
N VAL A 287 -5.55 2.19 11.58
CA VAL A 287 -4.68 1.03 11.63
C VAL A 287 -5.42 -0.12 12.30
N ALA A 288 -5.05 -1.33 11.93
CA ALA A 288 -5.56 -2.55 12.56
C ALA A 288 -4.48 -3.12 13.47
N VAL A 289 -4.83 -3.34 14.73
CA VAL A 289 -3.89 -3.78 15.75
C VAL A 289 -4.27 -5.19 16.18
N LYS A 290 -3.35 -6.13 15.98
CA LYS A 290 -3.53 -7.52 16.41
C LYS A 290 -2.82 -7.71 17.74
N ILE A 291 -3.54 -7.56 18.84
CA ILE A 291 -2.97 -7.62 20.18
C ILE A 291 -3.27 -9.00 20.77
N LEU A 292 -2.25 -9.62 21.36
CA LEU A 292 -2.37 -10.94 21.98
C LEU A 292 -2.53 -10.74 23.48
N LYS A 293 -3.77 -10.71 23.94
CA LYS A 293 -4.07 -10.45 25.35
C LYS A 293 -3.89 -11.74 26.13
N VAL A 294 -2.65 -11.97 26.59
CA VAL A 294 -2.31 -13.13 27.39
C VAL A 294 -1.70 -12.64 28.69
N VAL A 295 -2.27 -13.08 29.82
CA VAL A 295 -1.82 -12.60 31.12
C VAL A 295 -0.44 -13.17 31.47
N ASP A 296 -0.14 -14.39 31.04
CA ASP A 296 1.13 -15.05 31.33
C ASP A 296 1.82 -15.42 30.01
N PRO A 297 2.63 -14.52 29.43
CA PRO A 297 3.34 -14.85 28.18
C PRO A 297 4.43 -15.89 28.37
N THR A 298 4.23 -17.09 27.82
CA THR A 298 5.26 -18.11 27.76
C THR A 298 6.32 -17.71 26.72
N PRO A 299 7.57 -18.16 26.87
CA PRO A 299 8.59 -17.85 25.85
C PRO A 299 8.34 -18.50 24.50
N GLU A 300 7.49 -19.52 24.43
CA GLU A 300 7.10 -20.06 23.13
C GLU A 300 6.35 -19.01 22.31
N GLN A 301 5.44 -18.27 22.95
CA GLN A 301 4.78 -17.17 22.26
C GLN A 301 5.76 -16.05 21.95
N PHE A 302 6.80 -15.89 22.79
CA PHE A 302 7.85 -14.91 22.49
C PHE A 302 8.56 -15.24 21.19
N GLN A 303 9.03 -16.49 21.05
CA GLN A 303 9.76 -16.84 19.82
C GLN A 303 8.81 -16.89 18.62
N ALA A 304 7.54 -17.22 18.83
CA ALA A 304 6.57 -17.13 17.75
C ALA A 304 6.38 -15.69 17.28
N PHE A 305 6.31 -14.74 18.22
CA PHE A 305 6.19 -13.34 17.87
C PHE A 305 7.43 -12.84 17.14
N ARG A 306 8.62 -13.25 17.61
CA ARG A 306 9.86 -12.85 16.94
C ARG A 306 9.93 -13.42 15.52
N ASN A 307 9.51 -14.67 15.34
CA ASN A 307 9.48 -15.24 14.00
C ASN A 307 8.49 -14.52 13.11
N GLU A 308 7.32 -14.16 13.65
CA GLU A 308 6.31 -13.45 12.88
C GLU A 308 6.81 -12.09 12.42
N VAL A 309 7.43 -11.32 13.32
CA VAL A 309 7.90 -10.00 12.92
C VAL A 309 9.11 -10.11 12.00
N ALA A 310 9.92 -11.16 12.17
CA ALA A 310 11.06 -11.37 11.29
C ALA A 310 10.63 -11.68 9.87
N VAL A 311 9.54 -12.44 9.73
CA VAL A 311 8.99 -12.68 8.40
C VAL A 311 8.35 -11.41 7.85
N LEU A 312 7.64 -10.67 8.69
CA LEU A 312 6.90 -9.49 8.21
C LEU A 312 7.83 -8.38 7.74
N ARG A 313 9.04 -8.29 8.31
CA ARG A 313 9.98 -7.27 7.84
C ARG A 313 10.48 -7.55 6.43
N LYS A 314 10.45 -8.80 5.98
CA LYS A 314 10.94 -9.13 4.64
C LYS A 314 9.89 -8.99 3.55
N THR A 315 8.67 -8.60 3.89
CA THR A 315 7.56 -8.56 2.94
C THR A 315 7.23 -7.11 2.60
N ARG A 316 7.41 -6.74 1.33
CA ARG A 316 7.04 -5.41 0.84
C ARG A 316 6.48 -5.58 -0.58
N HIS A 317 5.17 -5.70 -0.68
CA HIS A 317 4.50 -5.93 -1.95
C HIS A 317 3.07 -5.41 -1.86
N VAL A 318 2.52 -5.02 -3.02
CA VAL A 318 1.21 -4.39 -3.04
C VAL A 318 0.10 -5.39 -2.74
N ASN A 319 0.36 -6.69 -2.93
CA ASN A 319 -0.65 -7.71 -2.70
C ASN A 319 -0.56 -8.34 -1.32
N ILE A 320 0.35 -7.86 -0.47
CA ILE A 320 0.52 -8.36 0.88
C ILE A 320 0.05 -7.28 1.84
N LEU A 321 -0.67 -7.68 2.89
CA LEU A 321 -1.09 -6.75 3.93
C LEU A 321 0.14 -6.13 4.58
N LEU A 322 0.16 -4.81 4.66
CA LEU A 322 1.40 -4.07 4.89
C LEU A 322 1.69 -3.98 6.39
N PHE A 323 2.85 -4.48 6.79
CA PHE A 323 3.31 -4.38 8.17
C PHE A 323 3.92 -3.01 8.42
N MET A 324 3.64 -2.43 9.59
CA MET A 324 4.16 -1.12 9.91
C MET A 324 4.97 -1.10 11.20
N GLY A 325 4.54 -1.84 12.22
CA GLY A 325 5.26 -1.81 13.48
C GLY A 325 4.71 -2.85 14.44
N TYR A 326 5.40 -2.98 15.57
CA TYR A 326 5.04 -3.93 16.60
C TYR A 326 5.03 -3.25 17.96
N MET A 327 4.58 -4.00 18.97
CA MET A 327 4.50 -3.50 20.34
C MET A 327 5.14 -4.53 21.26
N THR A 328 5.77 -4.06 22.33
CA THR A 328 6.49 -4.93 23.25
C THR A 328 5.89 -4.97 24.64
N LYS A 329 5.75 -3.84 25.31
CA LYS A 329 5.23 -3.83 26.66
C LYS A 329 3.71 -3.97 26.67
N ASP A 330 3.16 -4.10 27.87
CA ASP A 330 1.78 -4.51 28.13
C ASP A 330 1.61 -5.87 27.44
N ASN A 331 0.59 -6.08 26.61
CA ASN A 331 0.47 -7.29 25.83
C ASN A 331 1.08 -7.09 24.45
N LEU A 332 1.56 -8.18 23.86
CA LEU A 332 2.16 -8.10 22.54
C LEU A 332 1.13 -7.75 21.49
N ALA A 333 1.50 -6.87 20.57
CA ALA A 333 0.59 -6.39 19.56
C ALA A 333 1.34 -6.19 18.24
N ILE A 334 0.60 -6.28 17.15
CA ILE A 334 1.13 -6.11 15.80
C ILE A 334 0.34 -5.01 15.12
N VAL A 335 1.05 -4.02 14.57
CA VAL A 335 0.43 -2.86 13.94
C VAL A 335 0.50 -3.02 12.43
N THR A 336 -0.65 -2.99 11.77
CA THR A 336 -0.74 -3.03 10.33
C THR A 336 -1.85 -2.09 9.87
N GLN A 337 -1.93 -1.89 8.56
CA GLN A 337 -2.91 -0.96 8.02
C GLN A 337 -4.33 -1.50 8.17
N TRP A 338 -5.29 -0.58 8.17
CA TRP A 338 -6.69 -0.92 8.35
C TRP A 338 -7.32 -1.15 6.99
N CYS A 339 -7.72 -2.38 6.72
CA CYS A 339 -8.37 -2.72 5.47
C CYS A 339 -9.83 -2.31 5.50
N GLU A 340 -10.30 -1.75 4.38
CA GLU A 340 -11.69 -1.36 4.22
C GLU A 340 -12.39 -2.37 3.34
N GLY A 341 -13.49 -2.94 3.84
CA GLY A 341 -14.20 -3.98 3.13
C GLY A 341 -14.46 -5.18 4.01
N SER A 342 -14.34 -6.38 3.43
CA SER A 342 -14.58 -7.61 4.18
C SER A 342 -13.74 -8.73 3.57
N SER A 343 -13.65 -9.84 4.30
CA SER A 343 -12.89 -10.99 3.85
C SER A 343 -13.61 -11.68 2.69
N LEU A 344 -12.83 -12.48 1.95
CA LEU A 344 -13.40 -13.22 0.81
C LEU A 344 -14.37 -14.29 1.30
N TYR A 345 -14.13 -14.84 2.49
CA TYR A 345 -15.08 -15.74 3.10
C TYR A 345 -16.41 -15.03 3.38
N LYS A 346 -16.34 -13.80 3.87
CA LYS A 346 -17.56 -13.05 4.18
C LYS A 346 -18.25 -12.59 2.90
N HIS A 347 -17.50 -12.33 1.84
CA HIS A 347 -18.11 -11.95 0.57
C HIS A 347 -18.73 -13.16 -0.13
N LEU A 348 -18.16 -14.34 0.08
CA LEU A 348 -18.52 -15.50 -0.73
C LEU A 348 -19.51 -16.43 -0.06
N HIS A 349 -19.47 -16.55 1.27
CA HIS A 349 -20.34 -17.48 1.98
C HIS A 349 -21.24 -16.82 3.01
N VAL A 350 -21.10 -15.54 3.27
CA VAL A 350 -21.89 -14.83 4.27
C VAL A 350 -22.86 -13.84 3.62
N GLN A 351 -22.37 -13.06 2.65
CA GLN A 351 -23.20 -12.06 2.00
C GLN A 351 -23.62 -12.45 0.59
N GLU A 352 -22.83 -13.29 -0.09
CA GLU A 352 -23.08 -13.76 -1.46
C GLU A 352 -23.24 -12.60 -2.45
N THR A 353 -22.15 -11.86 -2.62
CA THR A 353 -22.08 -10.89 -3.70
C THR A 353 -22.01 -11.62 -5.03
N LYS A 354 -22.82 -11.19 -5.99
CA LYS A 354 -22.83 -11.81 -7.32
C LYS A 354 -21.64 -11.28 -8.11
N PHE A 355 -20.50 -11.94 -7.99
CA PHE A 355 -19.35 -11.60 -8.80
C PHE A 355 -19.56 -12.04 -10.24
N GLN A 356 -18.88 -11.34 -11.16
CA GLN A 356 -18.89 -11.76 -12.58
C GLN A 356 -17.58 -12.51 -12.84
N MET A 357 -17.46 -13.20 -13.97
CA MET A 357 -16.27 -14.04 -14.25
C MET A 357 -14.96 -13.22 -14.28
N PHE A 358 -14.86 -12.22 -15.14
CA PHE A 358 -13.58 -11.47 -15.33
C PHE A 358 -12.86 -11.16 -14.00
N GLN A 359 -13.48 -10.40 -13.09
CA GLN A 359 -12.78 -9.98 -11.89
C GLN A 359 -12.51 -11.14 -10.94
N LEU A 360 -13.20 -12.28 -11.09
CA LEU A 360 -12.79 -13.47 -10.36
C LEU A 360 -11.44 -13.99 -10.84
N ILE A 361 -11.23 -14.08 -12.16
CA ILE A 361 -9.89 -14.41 -12.63
C ILE A 361 -8.88 -13.31 -12.30
N ASP A 362 -9.32 -12.05 -12.20
CA ASP A 362 -8.43 -10.99 -11.72
C ASP A 362 -8.00 -11.23 -10.27
N ILE A 363 -8.94 -11.62 -9.40
CA ILE A 363 -8.59 -11.96 -8.02
C ILE A 363 -7.64 -13.14 -7.98
N ALA A 364 -7.89 -14.15 -8.83
CA ALA A 364 -7.04 -15.33 -8.89
C ALA A 364 -5.60 -14.97 -9.27
N ARG A 365 -5.45 -14.15 -10.33
CA ARG A 365 -4.10 -13.80 -10.77
C ARG A 365 -3.40 -12.89 -9.76
N GLN A 366 -4.15 -12.03 -9.07
CA GLN A 366 -3.52 -11.14 -8.10
C GLN A 366 -3.02 -11.92 -6.89
N THR A 367 -3.84 -12.82 -6.34
CA THR A 367 -3.35 -13.57 -5.18
C THR A 367 -2.32 -14.62 -5.57
N ALA A 368 -2.37 -15.11 -6.83
CA ALA A 368 -1.29 -15.95 -7.32
C ALA A 368 0.01 -15.18 -7.44
N GLN A 369 -0.07 -13.91 -7.84
CA GLN A 369 1.10 -13.05 -7.86
C GLN A 369 1.65 -12.84 -6.45
N GLY A 370 0.76 -12.69 -5.47
CA GLY A 370 1.19 -12.53 -4.09
C GLY A 370 1.93 -13.74 -3.56
N MET A 371 1.37 -14.93 -3.80
CA MET A 371 2.06 -16.15 -3.36
C MET A 371 3.33 -16.41 -4.16
N ASP A 372 3.37 -15.99 -5.44
CA ASP A 372 4.60 -16.12 -6.21
C ASP A 372 5.69 -15.22 -5.66
N TYR A 373 5.32 -14.02 -5.23
CA TYR A 373 6.30 -13.14 -4.61
C TYR A 373 6.77 -13.69 -3.26
N LEU A 374 5.86 -14.31 -2.50
CA LEU A 374 6.25 -14.93 -1.24
C LEU A 374 7.22 -16.09 -1.46
N HIS A 375 6.99 -16.90 -2.50
CA HIS A 375 7.91 -17.98 -2.80
C HIS A 375 9.23 -17.48 -3.37
N ALA A 376 9.20 -16.35 -4.10
CA ALA A 376 10.44 -15.76 -4.59
C ALA A 376 11.27 -15.19 -3.45
N LYS A 377 10.60 -14.56 -2.47
CA LYS A 377 11.25 -14.09 -1.26
C LYS A 377 11.39 -15.18 -0.20
N ASN A 378 11.11 -16.43 -0.58
CA ASN A 378 11.39 -17.62 0.22
C ASN A 378 10.57 -17.61 1.52
N ILE A 379 9.26 -17.48 1.37
CA ILE A 379 8.33 -17.44 2.49
C ILE A 379 7.26 -18.51 2.26
N ILE A 380 6.97 -19.29 3.29
CA ILE A 380 5.90 -20.28 3.26
C ILE A 380 4.78 -19.77 4.17
N HIS A 381 3.62 -19.51 3.59
CA HIS A 381 2.53 -18.91 4.37
C HIS A 381 1.92 -19.93 5.33
N ARG A 382 1.74 -21.17 4.86
CA ARG A 382 1.40 -22.39 5.61
C ARG A 382 -0.05 -22.41 6.09
N ASP A 383 -0.76 -21.28 6.00
CA ASP A 383 -2.14 -21.12 6.47
C ASP A 383 -3.00 -20.45 5.42
N MET A 384 -2.93 -20.91 4.17
CA MET A 384 -3.66 -20.27 3.08
C MET A 384 -5.13 -20.70 3.14
N LYS A 385 -6.03 -19.77 3.45
CA LYS A 385 -7.44 -20.06 3.48
C LYS A 385 -8.23 -18.78 3.19
N SER A 386 -9.56 -18.91 3.15
CA SER A 386 -10.40 -17.82 2.69
C SER A 386 -10.43 -16.65 3.67
N ASN A 387 -10.24 -16.93 4.96
CA ASN A 387 -10.28 -15.85 5.95
C ASN A 387 -9.04 -14.97 5.91
N ASN A 388 -8.01 -15.37 5.17
CA ASN A 388 -6.79 -14.61 5.03
C ASN A 388 -6.77 -13.76 3.76
N ILE A 389 -7.90 -13.67 3.06
CA ILE A 389 -8.01 -12.90 1.83
C ILE A 389 -8.91 -11.70 2.09
N PHE A 390 -8.31 -10.51 2.08
CA PHE A 390 -9.04 -9.26 2.27
C PHE A 390 -9.24 -8.59 0.93
N LEU A 391 -10.50 -8.31 0.60
CA LEU A 391 -10.85 -7.67 -0.67
C LEU A 391 -10.98 -6.17 -0.42
N HIS A 392 -9.88 -5.47 -0.65
CA HIS A 392 -9.73 -4.09 -0.18
C HIS A 392 -10.28 -3.11 -1.21
N GLU A 393 -11.32 -2.36 -0.81
CA GLU A 393 -12.21 -1.60 -1.69
C GLU A 393 -12.71 -2.37 -2.90
N GLY A 394 -12.94 -3.68 -2.75
CA GLY A 394 -13.57 -4.46 -3.78
C GLY A 394 -12.74 -4.80 -4.99
N LEU A 395 -11.49 -4.33 -5.07
CA LEU A 395 -10.69 -4.59 -6.26
C LEU A 395 -9.30 -5.13 -5.93
N THR A 396 -8.69 -4.68 -4.84
CA THR A 396 -7.31 -5.07 -4.51
C THR A 396 -7.33 -6.12 -3.41
N VAL A 397 -6.52 -7.15 -3.58
CA VAL A 397 -6.44 -8.26 -2.63
C VAL A 397 -5.24 -8.04 -1.72
N LYS A 398 -5.40 -8.43 -0.46
CA LYS A 398 -4.34 -8.35 0.54
C LYS A 398 -4.23 -9.68 1.26
N ILE A 399 -3.00 -10.10 1.54
CA ILE A 399 -2.72 -11.37 2.20
C ILE A 399 -2.07 -11.07 3.54
N GLY A 400 -2.67 -11.57 4.63
CA GLY A 400 -2.18 -11.27 5.95
C GLY A 400 -2.15 -12.43 6.92
N ASP A 401 -1.96 -12.11 8.21
CA ASP A 401 -1.91 -13.09 9.30
C ASP A 401 -0.79 -14.11 9.05
N PHE A 402 0.45 -13.62 9.09
CA PHE A 402 1.64 -14.44 8.90
C PHE A 402 2.16 -15.00 10.21
N GLY A 403 1.28 -15.30 11.16
CA GLY A 403 1.72 -15.85 12.43
C GLY A 403 2.37 -17.22 12.32
N LEU A 404 1.97 -18.00 11.31
CA LEU A 404 2.58 -19.31 11.06
C LEU A 404 3.43 -19.30 9.80
N ALA A 405 3.97 -18.14 9.42
CA ALA A 405 4.87 -18.09 8.28
C ALA A 405 6.28 -18.50 8.70
N THR A 406 6.98 -19.20 7.81
CA THR A 406 8.30 -19.73 8.13
C THR A 406 9.18 -19.74 6.90
N VAL A 407 10.40 -19.25 7.06
CA VAL A 407 11.44 -19.33 6.03
C VAL A 407 12.11 -20.70 6.13
N LYS A 408 12.34 -21.33 4.99
CA LYS A 408 13.09 -22.58 4.97
C LYS A 408 14.56 -22.30 5.22
N SER A 409 15.27 -23.31 5.72
CA SER A 409 16.71 -23.18 5.97
C SER A 409 17.41 -24.53 5.83
N GLN A 415 14.25 -30.29 11.87
CA GLN A 415 13.54 -30.22 13.15
C GLN A 415 12.10 -30.70 13.01
N GLN A 416 11.50 -31.09 14.13
CA GLN A 416 10.12 -31.56 14.13
C GLN A 416 9.16 -30.38 13.97
N VAL A 417 8.22 -30.51 13.04
CA VAL A 417 7.25 -29.45 12.79
C VAL A 417 6.23 -29.42 13.92
N GLU A 418 5.65 -28.24 14.16
CA GLU A 418 4.63 -28.10 15.18
C GLU A 418 3.33 -28.76 14.73
N GLN A 419 2.44 -28.96 15.69
CA GLN A 419 1.15 -29.58 15.39
C GLN A 419 0.28 -28.63 14.60
N PRO A 420 -0.47 -29.12 13.61
CA PRO A 420 -1.36 -28.23 12.85
C PRO A 420 -2.53 -27.74 13.69
N THR A 421 -2.98 -26.52 13.37
CA THR A 421 -4.00 -25.86 14.17
C THR A 421 -5.10 -25.23 13.31
N GLY A 422 -4.89 -25.03 12.02
CA GLY A 422 -5.88 -24.42 11.16
C GLY A 422 -7.03 -25.36 10.85
N SER A 423 -7.93 -24.87 9.98
CA SER A 423 -9.06 -25.67 9.55
C SER A 423 -8.60 -26.77 8.61
N VAL A 424 -9.31 -27.89 8.63
CA VAL A 424 -8.85 -29.10 7.95
C VAL A 424 -9.18 -29.09 6.47
N LEU A 425 -9.94 -28.11 5.99
CA LEU A 425 -10.35 -28.10 4.59
C LEU A 425 -9.17 -27.80 3.66
N TRP A 426 -8.38 -26.78 3.99
CA TRP A 426 -7.33 -26.32 3.09
C TRP A 426 -6.02 -27.06 3.27
N MET A 427 -5.95 -28.03 4.17
CA MET A 427 -4.70 -28.77 4.37
C MET A 427 -4.50 -29.79 3.26
N ALA A 428 -3.23 -30.18 3.09
CA ALA A 428 -2.83 -31.18 2.12
C ALA A 428 -2.92 -32.58 2.72
N PRO A 429 -3.06 -33.62 1.88
CA PRO A 429 -3.07 -35.00 2.42
C PRO A 429 -1.78 -35.39 3.13
N GLU A 430 -0.63 -34.95 2.61
CA GLU A 430 0.63 -35.20 3.32
C GLU A 430 0.79 -34.31 4.54
N VAL A 431 0.07 -33.18 4.59
CA VAL A 431 -0.05 -32.44 5.84
C VAL A 431 -0.86 -33.25 6.85
N ILE A 432 -1.97 -33.84 6.41
CA ILE A 432 -2.87 -34.53 7.34
C ILE A 432 -2.22 -35.81 7.87
N ARG A 433 -1.64 -36.62 6.98
CA ARG A 433 -1.01 -37.85 7.45
C ARG A 433 0.37 -37.61 8.06
N MET A 434 0.98 -36.45 7.80
CA MET A 434 2.23 -35.92 8.37
C MET A 434 3.32 -36.95 8.62
N GLN A 435 3.52 -37.87 7.67
CA GLN A 435 4.52 -38.92 7.83
C GLN A 435 5.94 -38.38 7.76
N ASP A 436 6.13 -37.20 7.19
CA ASP A 436 7.45 -36.58 7.07
C ASP A 436 7.64 -35.59 8.22
N ASN A 437 8.91 -35.35 8.57
CA ASN A 437 9.23 -34.39 9.62
C ASN A 437 8.80 -32.98 9.23
N ASN A 438 9.00 -32.61 7.97
CA ASN A 438 8.58 -31.32 7.43
C ASN A 438 7.81 -31.50 6.12
N PRO A 439 6.56 -31.94 6.21
CA PRO A 439 5.74 -32.11 5.00
C PRO A 439 5.32 -30.81 4.36
N PHE A 440 5.54 -29.67 5.02
CA PHE A 440 5.09 -28.38 4.54
C PHE A 440 6.09 -27.87 3.52
N SER A 441 5.60 -27.46 2.35
CA SER A 441 6.48 -27.05 1.26
C SER A 441 5.71 -26.11 0.33
N PHE A 442 6.26 -25.91 -0.87
CA PHE A 442 5.57 -25.10 -1.88
C PHE A 442 4.25 -25.73 -2.28
N GLN A 443 4.23 -27.06 -2.42
CA GLN A 443 3.09 -27.74 -3.02
C GLN A 443 1.89 -27.79 -2.09
N SER A 444 2.11 -27.74 -0.77
CA SER A 444 1.00 -27.61 0.16
C SER A 444 0.30 -26.27 -0.03
N ASP A 445 1.07 -25.20 -0.18
CA ASP A 445 0.49 -23.89 -0.49
C ASP A 445 -0.18 -23.90 -1.86
N VAL A 446 0.38 -24.67 -2.80
CA VAL A 446 -0.23 -24.80 -4.13
C VAL A 446 -1.60 -25.46 -4.03
N TYR A 447 -1.71 -26.52 -3.22
CA TYR A 447 -2.99 -27.21 -3.09
C TYR A 447 -3.99 -26.32 -2.33
N SER A 448 -3.53 -25.57 -1.33
CA SER A 448 -4.40 -24.64 -0.63
C SER A 448 -4.92 -23.55 -1.56
N TYR A 449 -4.04 -23.03 -2.43
CA TYR A 449 -4.47 -22.10 -3.48
C TYR A 449 -5.46 -22.76 -4.44
N GLY A 450 -5.26 -24.05 -4.72
CA GLY A 450 -6.21 -24.75 -5.57
C GLY A 450 -7.58 -24.86 -4.93
N ILE A 451 -7.63 -25.07 -3.62
CA ILE A 451 -8.91 -25.13 -2.91
C ILE A 451 -9.55 -23.74 -2.88
N VAL A 452 -8.74 -22.69 -2.76
CA VAL A 452 -9.24 -21.33 -2.87
C VAL A 452 -9.84 -21.09 -4.26
N LEU A 453 -9.18 -21.59 -5.30
CA LEU A 453 -9.73 -21.52 -6.65
C LEU A 453 -11.03 -22.30 -6.75
N TYR A 454 -11.10 -23.47 -6.10
CA TYR A 454 -12.29 -24.31 -6.12
C TYR A 454 -13.49 -23.59 -5.51
N GLU A 455 -13.30 -22.97 -4.35
CA GLU A 455 -14.41 -22.23 -3.74
C GLU A 455 -14.68 -20.94 -4.50
N LEU A 456 -13.69 -20.44 -5.23
CA LEU A 456 -13.85 -19.18 -5.95
C LEU A 456 -14.71 -19.35 -7.20
N MET A 457 -14.51 -20.44 -7.95
CA MET A 457 -15.29 -20.67 -9.17
C MET A 457 -16.66 -21.29 -8.91
N THR A 458 -16.92 -21.77 -7.71
CA THR A 458 -18.21 -22.38 -7.40
C THR A 458 -19.03 -21.59 -6.41
N GLY A 459 -18.43 -21.13 -5.31
CA GLY A 459 -19.15 -20.39 -4.30
C GLY A 459 -19.59 -21.18 -3.10
N GLU A 460 -19.25 -22.46 -3.03
CA GLU A 460 -19.60 -23.30 -1.88
C GLU A 460 -18.35 -24.02 -1.39
N LEU A 461 -18.34 -24.34 -0.10
CA LEU A 461 -17.22 -25.04 0.49
C LEU A 461 -17.15 -26.47 -0.03
N PRO A 462 -15.94 -27.01 -0.20
CA PRO A 462 -15.81 -28.41 -0.63
C PRO A 462 -16.25 -29.37 0.46
N TYR A 463 -16.68 -30.56 0.02
CA TYR A 463 -17.19 -31.62 0.89
C TYR A 463 -18.34 -31.14 1.76
N SER A 464 -19.28 -30.43 1.14
CA SER A 464 -20.42 -29.91 1.88
C SER A 464 -21.41 -30.99 2.31
N HIS A 465 -21.39 -32.14 1.64
CA HIS A 465 -22.30 -33.23 1.99
C HIS A 465 -21.87 -33.99 3.24
N ILE A 466 -20.64 -33.78 3.71
CA ILE A 466 -20.13 -34.44 4.91
C ILE A 466 -20.15 -33.43 6.05
N ASN A 467 -20.77 -33.81 7.17
CA ASN A 467 -20.90 -32.94 8.33
C ASN A 467 -20.16 -33.47 9.55
N ASN A 468 -19.11 -34.26 9.33
CA ASN A 468 -18.30 -34.82 10.41
C ASN A 468 -16.86 -34.43 10.18
N ARG A 469 -16.24 -33.84 11.20
CA ARG A 469 -14.87 -33.34 11.07
C ARG A 469 -13.87 -34.48 10.93
N ASP A 470 -13.97 -35.49 11.82
CA ASP A 470 -13.02 -36.59 11.81
C ASP A 470 -13.20 -37.46 10.57
N GLN A 471 -14.44 -37.56 10.07
CA GLN A 471 -14.66 -38.27 8.82
C GLN A 471 -13.97 -37.59 7.66
N ILE A 472 -14.04 -36.25 7.58
CA ILE A 472 -13.35 -35.53 6.53
C ILE A 472 -11.84 -35.72 6.64
N ILE A 473 -11.32 -35.66 7.88
CA ILE A 473 -9.89 -35.83 8.10
C ILE A 473 -9.43 -37.22 7.63
N PHE A 474 -10.17 -38.26 8.01
CA PHE A 474 -9.76 -39.61 7.67
C PHE A 474 -9.93 -39.90 6.17
N MET A 475 -11.04 -39.44 5.57
CA MET A 475 -11.28 -39.72 4.16
C MET A 475 -10.28 -38.98 3.28
N VAL A 476 -9.87 -37.78 3.67
CA VAL A 476 -8.82 -37.09 2.92
C VAL A 476 -7.46 -37.76 3.16
N GLY A 477 -7.19 -38.17 4.41
CA GLY A 477 -5.90 -38.75 4.72
C GLY A 477 -5.66 -40.08 4.03
N ARG A 478 -6.73 -40.88 3.86
CA ARG A 478 -6.60 -42.12 3.11
C ARG A 478 -6.72 -41.90 1.61
N GLY A 479 -6.98 -40.68 1.15
CA GLY A 479 -7.04 -40.39 -0.26
C GLY A 479 -8.31 -40.80 -0.95
N TYR A 480 -9.34 -41.21 -0.20
CA TYR A 480 -10.59 -41.65 -0.83
C TYR A 480 -11.39 -40.46 -1.34
N ALA A 481 -11.39 -39.36 -0.59
CA ALA A 481 -12.20 -38.20 -0.90
C ALA A 481 -11.47 -37.26 -1.85
N SER A 482 -12.24 -36.49 -2.62
CA SER A 482 -11.69 -35.54 -3.58
C SER A 482 -12.73 -34.47 -3.84
N PRO A 483 -12.31 -33.25 -4.20
CA PRO A 483 -13.30 -32.23 -4.57
C PRO A 483 -14.01 -32.60 -5.87
N ASP A 484 -15.28 -32.19 -5.96
CA ASP A 484 -16.14 -32.53 -7.09
C ASP A 484 -16.20 -31.32 -8.03
N LEU A 485 -15.76 -31.52 -9.27
CA LEU A 485 -15.75 -30.45 -10.27
C LEU A 485 -17.06 -30.38 -11.05
N SER A 486 -18.08 -31.15 -10.67
CA SER A 486 -19.31 -31.22 -11.44
C SER A 486 -20.11 -29.92 -11.33
N LYS A 487 -19.89 -29.12 -10.30
CA LYS A 487 -20.59 -27.87 -10.12
C LYS A 487 -19.93 -26.70 -10.84
N LEU A 488 -18.92 -26.98 -11.67
CA LEU A 488 -18.35 -25.96 -12.54
C LEU A 488 -19.20 -25.84 -13.80
N TYR A 489 -19.58 -24.61 -14.14
CA TYR A 489 -20.42 -24.38 -15.31
C TYR A 489 -19.65 -24.67 -16.59
N LYS A 490 -20.38 -25.22 -17.58
CA LYS A 490 -19.76 -25.68 -18.82
C LYS A 490 -19.54 -24.56 -19.84
N ASN A 491 -19.97 -23.33 -19.53
CA ASN A 491 -19.64 -22.21 -20.41
C ASN A 491 -18.24 -21.68 -20.17
N CYS A 492 -17.55 -22.17 -19.14
CA CYS A 492 -16.17 -21.85 -18.82
C CYS A 492 -15.23 -22.50 -19.85
N PRO A 493 -14.13 -21.83 -20.20
CA PRO A 493 -13.14 -22.45 -21.09
C PRO A 493 -12.51 -23.69 -20.46
N LYS A 494 -12.20 -24.67 -21.32
CA LYS A 494 -11.69 -25.95 -20.84
C LYS A 494 -10.27 -25.86 -20.29
N ALA A 495 -9.52 -24.81 -20.66
CA ALA A 495 -8.21 -24.61 -20.06
C ALA A 495 -8.33 -24.32 -18.56
N MET A 496 -9.38 -23.58 -18.17
CA MET A 496 -9.58 -23.26 -16.77
C MET A 496 -9.92 -24.51 -15.95
N LYS A 497 -10.80 -25.36 -16.46
CA LYS A 497 -11.13 -26.59 -15.72
C LYS A 497 -9.95 -27.56 -15.72
N ARG A 498 -9.14 -27.56 -16.78
CA ARG A 498 -7.92 -28.35 -16.78
C ARG A 498 -6.95 -27.86 -15.71
N LEU A 499 -6.83 -26.53 -15.57
CA LEU A 499 -5.98 -25.96 -14.52
C LEU A 499 -6.50 -26.31 -13.13
N VAL A 500 -7.82 -26.26 -12.96
CA VAL A 500 -8.43 -26.62 -11.66
C VAL A 500 -8.17 -28.09 -11.35
N ALA A 501 -8.29 -28.96 -12.35
CA ALA A 501 -8.01 -30.38 -12.13
C ALA A 501 -6.53 -30.62 -11.83
N ASP A 502 -5.65 -29.84 -12.45
CA ASP A 502 -4.21 -30.04 -12.24
C ASP A 502 -3.76 -29.55 -10.87
N CYS A 503 -4.33 -28.45 -10.38
CA CYS A 503 -3.84 -27.88 -9.13
C CYS A 503 -4.30 -28.64 -7.88
N VAL A 504 -5.24 -29.58 -8.02
CA VAL A 504 -5.78 -30.33 -6.90
C VAL A 504 -5.25 -31.77 -6.91
N LYS A 505 -4.27 -32.06 -7.75
CA LYS A 505 -3.68 -33.40 -7.82
C LYS A 505 -3.02 -33.78 -6.50
N LYS A 506 -3.22 -35.04 -6.09
CA LYS A 506 -2.86 -35.45 -4.74
C LYS A 506 -1.35 -35.53 -4.55
N VAL A 507 -0.64 -36.14 -5.49
CA VAL A 507 0.78 -36.38 -5.33
C VAL A 507 1.54 -35.08 -5.57
N LYS A 508 2.52 -34.79 -4.71
CA LYS A 508 3.09 -33.45 -4.68
C LYS A 508 4.04 -33.19 -5.84
N GLU A 509 4.61 -34.22 -6.46
CA GLU A 509 5.67 -33.97 -7.43
C GLU A 509 5.15 -33.55 -8.81
N GLU A 510 3.85 -33.65 -9.08
CA GLU A 510 3.38 -33.13 -10.36
C GLU A 510 2.48 -31.90 -10.22
N ARG A 511 2.30 -31.38 -9.01
CA ARG A 511 1.59 -30.11 -8.87
C ARG A 511 2.44 -28.98 -9.41
N PRO A 512 1.91 -28.16 -10.31
CA PRO A 512 2.72 -27.12 -10.96
C PRO A 512 3.06 -25.98 -10.01
N LEU A 513 4.11 -25.25 -10.36
CA LEU A 513 4.55 -24.12 -9.57
C LEU A 513 3.83 -22.85 -10.01
N PHE A 514 3.92 -21.83 -9.15
CA PHE A 514 3.17 -20.59 -9.37
C PHE A 514 3.51 -19.82 -10.65
N PRO A 515 4.76 -19.72 -11.13
CA PRO A 515 4.98 -19.04 -12.43
C PRO A 515 4.23 -19.66 -13.60
N GLN A 516 4.14 -20.99 -13.66
CA GLN A 516 3.35 -21.62 -14.72
C GLN A 516 1.86 -21.34 -14.55
N ILE A 517 1.39 -21.26 -13.30
CA ILE A 517 0.00 -20.90 -13.04
C ILE A 517 -0.28 -19.50 -13.56
N LEU A 518 0.62 -18.55 -13.26
CA LEU A 518 0.45 -17.18 -13.72
C LEU A 518 0.50 -17.09 -15.24
N SER A 519 1.38 -17.87 -15.86
CA SER A 519 1.47 -17.92 -17.32
C SER A 519 0.18 -18.44 -17.93
N SER A 520 -0.40 -19.49 -17.34
CA SER A 520 -1.67 -20.02 -17.83
C SER A 520 -2.80 -19.01 -17.67
N ILE A 521 -2.81 -18.29 -16.55
CA ILE A 521 -3.87 -17.31 -16.31
C ILE A 521 -3.77 -16.16 -17.30
N GLU A 522 -2.56 -15.64 -17.54
CA GLU A 522 -2.44 -14.55 -18.50
C GLU A 522 -2.70 -15.03 -19.93
N LEU A 523 -2.35 -16.28 -20.24
CA LEU A 523 -2.65 -16.83 -21.56
C LEU A 523 -4.15 -16.93 -21.80
N LEU A 524 -4.91 -17.36 -20.77
CA LEU A 524 -6.36 -17.45 -20.95
C LEU A 524 -7.01 -16.07 -20.91
N GLN A 525 -6.40 -15.11 -20.20
CA GLN A 525 -6.93 -13.76 -20.20
C GLN A 525 -6.74 -13.08 -21.54
N HIS A 526 -5.61 -13.35 -22.21
CA HIS A 526 -5.27 -12.66 -23.44
C HIS A 526 -6.22 -12.95 -24.60
N SER A 527 -6.91 -14.10 -24.57
CA SER A 527 -7.65 -14.59 -25.72
C SER A 527 -9.02 -13.96 -25.90
N LEU A 528 -9.45 -13.08 -25.01
CA LEU A 528 -10.78 -12.49 -25.12
C LEU A 528 -10.77 -11.39 -26.19
N PRO A 529 -11.69 -11.44 -27.17
CA PRO A 529 -11.75 -10.42 -28.23
C PRO A 529 -12.46 -9.15 -27.77
N ALA B 53 -39.45 -29.98 41.03
CA ALA B 53 -39.38 -28.74 41.80
C ALA B 53 -38.59 -27.68 41.05
N PHE B 54 -37.79 -28.12 40.08
CA PHE B 54 -36.98 -27.19 39.32
C PHE B 54 -37.78 -26.45 38.26
N LEU B 55 -38.98 -26.97 37.93
CA LEU B 55 -39.78 -26.38 36.86
C LEU B 55 -40.25 -24.97 37.22
N THR B 56 -40.64 -24.77 38.47
CA THR B 56 -41.13 -23.46 38.89
C THR B 56 -40.01 -22.43 39.04
N GLN B 57 -38.75 -22.87 39.00
CA GLN B 57 -37.65 -21.91 39.07
C GLN B 57 -37.49 -21.18 37.74
N LYS B 58 -37.72 -21.86 36.62
CA LYS B 58 -37.77 -21.17 35.34
C LYS B 58 -39.00 -20.27 35.24
N GLN B 59 -40.05 -20.58 36.00
CA GLN B 59 -41.30 -19.85 35.88
C GLN B 59 -41.18 -18.45 36.48
N LYS B 60 -40.33 -18.28 37.49
CA LYS B 60 -40.11 -16.96 38.07
C LYS B 60 -39.01 -16.18 37.36
N VAL B 61 -38.43 -16.73 36.29
CA VAL B 61 -37.45 -16.04 35.46
C VAL B 61 -38.11 -15.76 34.12
N GLY B 62 -38.29 -14.48 33.80
CA GLY B 62 -38.98 -14.12 32.58
C GLY B 62 -38.05 -13.99 31.38
N GLU B 63 -38.05 -12.82 30.75
CA GLU B 63 -37.18 -12.58 29.61
C GLU B 63 -35.72 -12.52 30.05
N LEU B 64 -34.83 -12.99 29.19
CA LEU B 64 -33.39 -12.99 29.44
C LEU B 64 -32.71 -12.11 28.41
N LYS B 65 -31.92 -11.15 28.90
CA LYS B 65 -31.22 -10.20 28.05
C LYS B 65 -29.74 -10.16 28.41
N ASP B 66 -28.92 -9.80 27.43
CA ASP B 66 -27.47 -9.82 27.63
C ASP B 66 -27.03 -8.70 28.57
N ASP B 67 -27.75 -7.58 28.59
CA ASP B 67 -27.35 -6.47 29.45
C ASP B 67 -27.68 -6.76 30.92
N ASP B 68 -28.61 -7.68 31.18
CA ASP B 68 -28.96 -8.02 32.56
C ASP B 68 -28.04 -9.04 33.18
N PHE B 69 -27.06 -9.55 32.43
CA PHE B 69 -26.10 -10.51 32.94
C PHE B 69 -24.73 -9.86 33.11
N GLU B 70 -23.91 -10.46 33.97
CA GLU B 70 -22.60 -9.92 34.29
C GLU B 70 -21.56 -11.03 34.27
N LYS B 71 -20.32 -10.64 33.96
CA LYS B 71 -19.20 -11.57 34.00
C LYS B 71 -18.88 -11.97 35.43
N ILE B 72 -18.75 -13.27 35.66
CA ILE B 72 -18.41 -13.78 36.98
C ILE B 72 -17.13 -14.60 36.90
N SER B 73 -17.18 -15.71 36.16
CA SER B 73 -16.01 -16.56 35.95
C SER B 73 -16.22 -17.45 34.73
N GLY B 81 -15.99 -23.53 21.27
CA GLY B 81 -16.37 -22.24 21.83
C GLY B 81 -15.81 -22.01 23.21
N VAL B 82 -16.61 -21.37 24.07
CA VAL B 82 -16.21 -21.09 25.44
C VAL B 82 -17.46 -21.10 26.32
N VAL B 83 -17.27 -21.49 27.58
CA VAL B 83 -18.36 -21.65 28.54
C VAL B 83 -18.09 -20.72 29.72
N PHE B 84 -19.11 -19.97 30.11
CA PHE B 84 -19.01 -19.11 31.29
C PHE B 84 -20.27 -19.26 32.15
N LYS B 85 -20.14 -18.88 33.41
CA LYS B 85 -21.25 -18.87 34.34
C LYS B 85 -21.85 -17.47 34.42
N VAL B 86 -23.17 -17.41 34.60
CA VAL B 86 -23.90 -16.15 34.73
C VAL B 86 -24.92 -16.31 35.86
N SER B 87 -25.36 -15.17 36.40
CA SER B 87 -26.35 -15.15 37.45
C SER B 87 -27.29 -13.98 37.24
N HIS B 88 -28.53 -14.14 37.72
CA HIS B 88 -29.54 -13.10 37.68
C HIS B 88 -29.71 -12.58 39.10
N LYS B 89 -29.47 -11.28 39.29
CA LYS B 89 -29.20 -10.76 40.64
C LYS B 89 -30.40 -10.81 41.58
N PRO B 90 -31.63 -10.37 41.22
CA PRO B 90 -32.74 -10.53 42.19
C PRO B 90 -33.09 -11.98 42.49
N SER B 91 -33.01 -12.87 41.50
CA SER B 91 -33.34 -14.27 41.74
C SER B 91 -32.25 -14.97 42.55
N GLY B 92 -30.99 -14.63 42.29
CA GLY B 92 -29.90 -15.25 43.00
C GLY B 92 -29.56 -16.66 42.58
N LEU B 93 -30.04 -17.09 41.42
CA LEU B 93 -29.72 -18.41 40.89
C LEU B 93 -28.54 -18.33 39.94
N VAL B 94 -27.92 -19.48 39.69
CA VAL B 94 -26.74 -19.58 38.84
C VAL B 94 -27.11 -20.28 37.53
N MET B 95 -26.69 -19.68 36.42
CA MET B 95 -26.92 -20.22 35.08
C MET B 95 -25.58 -20.41 34.38
N ALA B 96 -25.55 -21.37 33.47
CA ALA B 96 -24.37 -21.64 32.66
C ALA B 96 -24.59 -21.15 31.24
N ARG B 97 -23.64 -20.40 30.72
CA ARG B 97 -23.75 -19.79 29.39
C ARG B 97 -22.69 -20.43 28.48
N LYS B 98 -23.11 -20.89 27.32
CA LYS B 98 -22.22 -21.41 26.29
C LYS B 98 -22.16 -20.43 25.13
N LEU B 99 -20.96 -20.06 24.73
CA LEU B 99 -20.75 -19.06 23.69
C LEU B 99 -20.17 -19.76 22.45
N ILE B 100 -20.86 -19.63 21.33
CA ILE B 100 -20.49 -20.31 20.09
C ILE B 100 -20.34 -19.27 18.98
N HIS B 101 -19.20 -19.31 18.29
CA HIS B 101 -18.90 -18.38 17.20
C HIS B 101 -19.10 -19.06 15.86
N LEU B 102 -19.87 -18.43 14.97
CA LEU B 102 -20.16 -18.96 13.65
C LEU B 102 -20.18 -17.82 12.65
N GLU B 103 -19.63 -18.07 11.45
CA GLU B 103 -19.67 -17.09 10.35
C GLU B 103 -20.59 -17.67 9.28
N ILE B 104 -21.89 -17.43 9.43
CA ILE B 104 -22.93 -18.08 8.65
C ILE B 104 -23.99 -17.06 8.25
N LYS B 105 -24.95 -17.52 7.45
CA LYS B 105 -25.98 -16.65 6.89
C LYS B 105 -27.00 -16.25 7.97
N PRO B 106 -27.71 -15.13 7.76
CA PRO B 106 -28.79 -14.78 8.69
C PRO B 106 -29.92 -15.79 8.73
N ALA B 107 -30.34 -16.30 7.57
CA ALA B 107 -31.40 -17.31 7.54
C ALA B 107 -30.94 -18.60 8.21
N ILE B 108 -29.67 -18.95 8.06
CA ILE B 108 -29.11 -20.10 8.76
C ILE B 108 -29.16 -19.88 10.27
N ARG B 109 -28.82 -18.68 10.74
CA ARG B 109 -28.89 -18.41 12.18
C ARG B 109 -30.32 -18.54 12.70
N ASN B 110 -31.29 -18.04 11.93
CA ASN B 110 -32.66 -18.09 12.42
C ASN B 110 -33.25 -19.50 12.36
N GLN B 111 -32.90 -20.33 11.36
CA GLN B 111 -33.40 -21.70 11.41
C GLN B 111 -32.68 -22.51 12.47
N ILE B 112 -31.42 -22.16 12.77
CA ILE B 112 -30.74 -22.79 13.91
C ILE B 112 -31.46 -22.46 15.21
N ILE B 113 -31.79 -21.18 15.44
CA ILE B 113 -32.44 -20.83 16.71
C ILE B 113 -33.85 -21.42 16.76
N ARG B 114 -34.49 -21.56 15.59
CA ARG B 114 -35.79 -22.22 15.53
C ARG B 114 -35.68 -23.70 15.84
N GLU B 115 -34.53 -24.31 15.53
CA GLU B 115 -34.29 -25.68 15.95
C GLU B 115 -33.83 -25.75 17.40
N LEU B 116 -33.39 -24.62 17.96
CA LEU B 116 -32.83 -24.64 19.33
C LEU B 116 -33.95 -24.55 20.39
N GLN B 117 -35.13 -24.07 19.99
CA GLN B 117 -36.24 -23.90 20.96
C GLN B 117 -36.70 -25.28 21.44
N VAL B 118 -36.52 -26.31 20.61
CA VAL B 118 -36.99 -27.69 20.96
C VAL B 118 -36.47 -28.10 22.35
N LEU B 119 -35.31 -27.58 22.78
CA LEU B 119 -34.79 -28.07 24.06
C LEU B 119 -35.71 -27.76 25.24
N HIS B 120 -36.73 -26.91 25.04
CA HIS B 120 -37.69 -26.66 26.11
C HIS B 120 -38.48 -27.90 26.51
N GLU B 121 -38.90 -28.71 25.54
CA GLU B 121 -39.65 -29.92 25.87
C GLU B 121 -38.75 -31.09 26.25
N CYS B 122 -37.43 -30.91 26.18
CA CYS B 122 -36.48 -31.93 26.65
C CYS B 122 -36.34 -31.75 28.16
N ASN B 123 -37.17 -32.48 28.91
CA ASN B 123 -37.20 -32.38 30.36
C ASN B 123 -37.05 -33.78 30.96
N SER B 124 -36.01 -33.95 31.79
CA SER B 124 -35.68 -35.22 32.41
C SER B 124 -34.67 -35.00 33.53
N PRO B 125 -34.64 -35.86 34.55
CA PRO B 125 -33.54 -35.82 35.52
C PRO B 125 -32.22 -36.34 34.98
N TYR B 126 -32.20 -36.86 33.75
CA TYR B 126 -30.98 -37.36 33.11
C TYR B 126 -30.47 -36.42 32.02
N ILE B 127 -31.13 -35.28 31.82
CA ILE B 127 -30.77 -34.32 30.78
C ILE B 127 -30.61 -32.96 31.44
N VAL B 128 -29.54 -32.24 31.06
CA VAL B 128 -29.30 -30.90 31.61
C VAL B 128 -30.43 -29.96 31.23
N GLY B 129 -30.92 -29.21 32.22
CA GLY B 129 -32.04 -28.31 31.99
C GLY B 129 -31.68 -27.14 31.09
N PHE B 130 -32.72 -26.49 30.58
CA PHE B 130 -32.59 -25.46 29.55
C PHE B 130 -33.36 -24.21 29.95
N TYR B 131 -32.79 -23.05 29.63
CA TYR B 131 -33.41 -21.76 29.87
C TYR B 131 -33.81 -21.05 28.58
N GLY B 132 -32.88 -20.83 27.68
CA GLY B 132 -33.15 -20.11 26.46
C GLY B 132 -31.90 -19.96 25.64
N ALA B 133 -32.09 -19.41 24.44
CA ALA B 133 -30.99 -19.18 23.51
C ALA B 133 -31.32 -17.97 22.64
N PHE B 134 -30.31 -17.16 22.34
CA PHE B 134 -30.52 -15.91 21.63
C PHE B 134 -29.24 -15.53 20.90
N TYR B 135 -29.29 -14.37 20.24
CA TYR B 135 -28.22 -13.87 19.39
C TYR B 135 -27.76 -12.51 19.88
N SER B 136 -26.45 -12.32 19.96
CA SER B 136 -25.88 -11.06 20.43
C SER B 136 -24.43 -10.95 19.99
N ASP B 137 -24.10 -9.79 19.42
CA ASP B 137 -22.71 -9.41 19.09
C ASP B 137 -22.05 -10.40 18.13
N GLY B 138 -22.82 -10.89 17.17
CA GLY B 138 -22.31 -11.88 16.22
C GLY B 138 -21.95 -13.20 16.85
N GLU B 139 -22.68 -13.60 17.89
CA GLU B 139 -22.38 -14.81 18.65
C GLU B 139 -23.66 -15.53 18.98
N ILE B 140 -23.57 -16.85 19.18
CA ILE B 140 -24.71 -17.65 19.60
C ILE B 140 -24.57 -17.98 21.08
N SER B 141 -25.57 -17.61 21.85
CA SER B 141 -25.56 -17.80 23.30
C SER B 141 -26.52 -18.93 23.66
N ILE B 142 -26.03 -19.88 24.46
CA ILE B 142 -26.83 -21.01 24.94
C ILE B 142 -26.85 -20.93 26.46
N CYS B 143 -28.05 -20.84 27.03
CA CYS B 143 -28.21 -20.73 28.48
C CYS B 143 -28.78 -22.04 29.02
N MET B 144 -28.12 -22.60 30.02
CA MET B 144 -28.56 -23.83 30.66
C MET B 144 -28.35 -23.74 32.15
N GLU B 145 -28.81 -24.76 32.86
CA GLU B 145 -28.75 -24.75 34.32
C GLU B 145 -27.45 -25.37 34.80
N HIS B 146 -26.89 -24.81 35.87
CA HIS B 146 -25.48 -24.98 36.20
C HIS B 146 -25.23 -26.18 37.10
N MET B 147 -24.29 -27.03 36.70
CA MET B 147 -23.72 -28.08 37.54
C MET B 147 -22.51 -27.52 38.28
N ASP B 148 -22.60 -27.47 39.60
CA ASP B 148 -21.47 -27.00 40.40
C ASP B 148 -20.33 -28.01 40.46
N GLY B 149 -20.61 -29.29 40.26
CA GLY B 149 -19.56 -30.30 40.27
C GLY B 149 -18.74 -30.37 39.00
N GLY B 150 -19.18 -29.71 37.93
CA GLY B 150 -18.45 -29.75 36.68
C GLY B 150 -18.61 -31.09 35.97
N SER B 151 -17.94 -31.18 34.83
CA SER B 151 -17.92 -32.43 34.08
C SER B 151 -16.94 -33.41 34.72
N LEU B 152 -17.10 -34.68 34.39
CA LEU B 152 -16.29 -35.71 35.03
C LEU B 152 -14.83 -35.71 34.54
N ASP B 153 -14.52 -34.99 33.46
CA ASP B 153 -13.14 -34.90 33.00
C ASP B 153 -12.28 -34.16 34.03
N GLN B 154 -12.80 -33.05 34.57
CA GLN B 154 -12.03 -32.27 35.54
C GLN B 154 -11.81 -33.04 36.84
N VAL B 155 -12.82 -33.77 37.31
CA VAL B 155 -12.61 -34.54 38.54
C VAL B 155 -11.79 -35.79 38.25
N LEU B 156 -11.73 -36.21 36.97
CA LEU B 156 -10.78 -37.26 36.60
C LEU B 156 -9.35 -36.75 36.73
N LYS B 157 -9.10 -35.51 36.28
CA LYS B 157 -7.78 -34.93 36.47
C LYS B 157 -7.50 -34.66 37.94
N LYS B 158 -8.55 -34.37 38.72
CA LYS B 158 -8.38 -34.13 40.15
C LYS B 158 -8.01 -35.40 40.90
N ALA B 159 -8.74 -36.49 40.63
CA ALA B 159 -8.58 -37.71 41.42
C ALA B 159 -7.64 -38.73 40.79
N GLY B 160 -7.53 -38.75 39.47
CA GLY B 160 -6.71 -39.73 38.77
C GLY B 160 -7.45 -40.99 38.37
N ARG B 161 -8.19 -41.58 39.29
CA ARG B 161 -8.98 -42.78 39.00
C ARG B 161 -10.30 -42.69 39.76
N ILE B 162 -11.28 -43.47 39.28
CA ILE B 162 -12.64 -43.40 39.80
C ILE B 162 -13.04 -44.80 40.26
N PRO B 163 -13.65 -44.95 41.45
CA PRO B 163 -14.09 -46.27 41.89
C PRO B 163 -15.18 -46.85 41.00
N GLU B 164 -15.16 -48.19 40.89
CA GLU B 164 -15.90 -48.89 39.84
C GLU B 164 -17.40 -48.72 39.95
N GLN B 165 -17.92 -48.66 41.18
CA GLN B 165 -19.36 -48.45 41.38
C GLN B 165 -19.80 -47.09 40.87
N ILE B 166 -18.93 -46.09 40.91
CA ILE B 166 -19.26 -44.79 40.36
C ILE B 166 -19.39 -44.87 38.84
N LEU B 167 -18.48 -45.61 38.18
CA LEU B 167 -18.64 -45.85 36.74
C LEU B 167 -19.90 -46.63 36.44
N GLY B 168 -20.28 -47.55 37.32
CA GLY B 168 -21.55 -48.25 37.13
C GLY B 168 -22.75 -47.33 37.19
N LYS B 169 -22.74 -46.40 38.14
CA LYS B 169 -23.84 -45.44 38.24
C LYS B 169 -23.86 -44.49 37.04
N VAL B 170 -22.67 -44.07 36.56
CA VAL B 170 -22.59 -43.26 35.36
C VAL B 170 -23.14 -44.01 34.15
N SER B 171 -22.80 -45.30 34.03
CA SER B 171 -23.29 -46.12 32.93
C SER B 171 -24.80 -46.26 32.99
N ILE B 172 -25.35 -46.46 34.20
CA ILE B 172 -26.80 -46.57 34.37
C ILE B 172 -27.48 -45.27 33.93
N ALA B 173 -26.94 -44.14 34.37
CA ALA B 173 -27.52 -42.84 34.02
C ALA B 173 -27.47 -42.60 32.52
N VAL B 174 -26.34 -42.92 31.87
CA VAL B 174 -26.21 -42.59 30.45
C VAL B 174 -27.07 -43.53 29.61
N ILE B 175 -27.22 -44.81 30.01
CA ILE B 175 -28.06 -45.68 29.19
C ILE B 175 -29.54 -45.32 29.37
N LYS B 176 -29.94 -44.89 30.58
CA LYS B 176 -31.31 -44.42 30.76
C LYS B 176 -31.56 -43.15 29.96
N GLY B 177 -30.57 -42.25 29.91
CA GLY B 177 -30.70 -41.05 29.09
C GLY B 177 -30.81 -41.37 27.61
N LEU B 178 -30.03 -42.35 27.14
CA LEU B 178 -30.12 -42.75 25.73
C LEU B 178 -31.47 -43.35 25.41
N THR B 179 -32.01 -44.19 26.31
CA THR B 179 -33.37 -44.71 26.11
C THR B 179 -34.41 -43.60 26.06
N TYR B 180 -34.31 -42.64 26.98
CA TYR B 180 -35.26 -41.54 27.01
C TYR B 180 -35.19 -40.69 25.74
N LEU B 181 -33.96 -40.40 25.28
CA LEU B 181 -33.78 -39.59 24.08
C LEU B 181 -34.26 -40.31 22.83
N ARG B 182 -34.03 -41.63 22.75
CA ARG B 182 -34.45 -42.36 21.57
C ARG B 182 -35.96 -42.61 21.58
N GLU B 183 -36.59 -42.68 22.75
CA GLU B 183 -38.05 -42.80 22.77
C GLU B 183 -38.76 -41.49 22.46
N LYS B 184 -38.33 -40.38 23.06
CA LYS B 184 -39.19 -39.20 22.92
C LYS B 184 -38.89 -38.39 21.67
N HIS B 185 -37.61 -38.20 21.32
CA HIS B 185 -37.27 -37.43 20.13
C HIS B 185 -36.73 -38.27 18.97
N LYS B 186 -36.42 -39.55 19.19
CA LYS B 186 -35.87 -40.46 18.18
C LYS B 186 -34.59 -39.93 17.55
N ILE B 187 -33.73 -39.30 18.35
CA ILE B 187 -32.48 -38.75 17.86
C ILE B 187 -31.33 -39.30 18.69
N MET B 188 -30.13 -39.24 18.11
CA MET B 188 -28.93 -39.76 18.72
C MET B 188 -28.04 -38.64 19.23
N HIS B 189 -27.12 -39.00 20.14
CA HIS B 189 -26.38 -38.00 20.89
C HIS B 189 -25.19 -37.47 20.09
N ARG B 190 -24.46 -38.38 19.42
CA ARG B 190 -23.37 -38.12 18.49
C ARG B 190 -22.08 -37.61 19.13
N ASP B 191 -22.09 -37.25 20.41
CA ASP B 191 -20.93 -36.60 21.01
C ASP B 191 -20.75 -37.11 22.44
N VAL B 192 -20.81 -38.43 22.62
CA VAL B 192 -20.66 -39.01 23.95
C VAL B 192 -19.17 -39.03 24.30
N LYS B 193 -18.77 -38.17 25.22
CA LYS B 193 -17.43 -38.15 25.77
C LYS B 193 -17.49 -37.56 27.17
N PRO B 194 -16.49 -37.81 28.02
CA PRO B 194 -16.59 -37.35 29.43
C PRO B 194 -16.69 -35.85 29.61
N SER B 195 -16.31 -35.05 28.62
CA SER B 195 -16.49 -33.61 28.73
C SER B 195 -17.94 -33.19 28.57
N ASN B 196 -18.77 -34.04 27.97
CA ASN B 196 -20.17 -33.73 27.70
C ASN B 196 -21.11 -34.29 28.75
N ILE B 197 -20.59 -34.94 29.79
CA ILE B 197 -21.41 -35.51 30.86
C ILE B 197 -21.10 -34.76 32.15
N LEU B 198 -22.14 -34.45 32.91
CA LEU B 198 -22.06 -33.48 34.00
C LEU B 198 -22.61 -34.08 35.28
N VAL B 199 -22.06 -33.66 36.42
CA VAL B 199 -22.56 -34.03 37.74
C VAL B 199 -22.69 -32.77 38.59
N ASN B 200 -23.55 -32.85 39.60
CA ASN B 200 -23.76 -31.78 40.57
C ASN B 200 -23.23 -32.20 41.94
N SER B 201 -23.46 -31.36 42.94
CA SER B 201 -23.16 -31.74 44.31
C SER B 201 -24.21 -32.68 44.89
N ARG B 202 -25.41 -32.72 44.28
CA ARG B 202 -26.48 -33.58 44.75
C ARG B 202 -26.31 -35.04 44.37
N GLY B 203 -25.90 -35.33 43.14
CA GLY B 203 -25.62 -36.69 42.72
C GLY B 203 -26.19 -37.10 41.37
N GLU B 204 -27.03 -36.30 40.72
CA GLU B 204 -27.58 -36.69 39.42
C GLU B 204 -26.57 -36.46 38.32
N ILE B 205 -26.56 -37.36 37.34
CA ILE B 205 -25.61 -37.35 36.24
C ILE B 205 -26.41 -37.16 34.95
N LYS B 206 -26.10 -36.10 34.20
CA LYS B 206 -26.90 -35.70 33.07
C LYS B 206 -26.04 -35.55 31.83
N LEU B 207 -26.66 -35.76 30.66
CA LEU B 207 -26.03 -35.56 29.37
C LEU B 207 -26.21 -34.11 28.92
N CYS B 208 -25.32 -33.67 28.03
CA CYS B 208 -25.37 -32.30 27.55
C CYS B 208 -24.68 -32.21 26.19
N ASP B 209 -25.02 -31.14 25.47
CA ASP B 209 -24.42 -30.78 24.18
C ASP B 209 -24.59 -31.89 23.14
N PHE B 210 -25.83 -32.36 22.97
CA PHE B 210 -26.12 -33.41 22.01
C PHE B 210 -26.48 -32.81 20.65
N GLY B 211 -26.53 -33.69 19.64
CA GLY B 211 -26.77 -33.28 18.28
C GLY B 211 -28.24 -33.04 17.96
N VAL B 212 -28.76 -31.90 18.38
CA VAL B 212 -30.18 -31.62 18.27
C VAL B 212 -30.54 -30.83 17.01
N SER B 213 -29.59 -30.09 16.43
CA SER B 213 -29.85 -29.18 15.32
C SER B 213 -28.89 -29.49 14.18
N GLY B 214 -29.43 -30.07 13.10
CA GLY B 214 -28.58 -30.51 12.00
C GLY B 214 -27.89 -29.37 11.27
N GLN B 215 -28.57 -28.23 11.16
CA GLN B 215 -27.94 -27.06 10.56
C GLN B 215 -26.82 -26.54 11.44
N LEU B 216 -27.00 -26.58 12.76
CA LEU B 216 -25.92 -26.17 13.65
C LEU B 216 -24.78 -27.19 13.61
N ILE B 217 -25.08 -28.46 13.37
CA ILE B 217 -24.03 -29.46 13.16
C ILE B 217 -23.24 -29.15 11.89
N ASP B 218 -23.95 -28.77 10.82
CA ASP B 218 -23.26 -28.37 9.59
C ASP B 218 -22.40 -27.14 9.80
N ALA B 219 -22.86 -26.21 10.63
CA ALA B 219 -22.06 -25.02 10.93
C ALA B 219 -20.84 -25.36 11.77
N MET B 220 -20.99 -26.28 12.73
CA MET B 220 -19.91 -26.67 13.62
C MET B 220 -19.05 -27.78 13.03
N ALA B 221 -19.31 -28.18 11.79
CA ALA B 221 -18.61 -29.31 11.16
C ALA B 221 -17.12 -29.04 11.01
N ASN B 222 -16.72 -27.77 10.89
CA ASN B 222 -15.32 -27.40 10.78
C ASN B 222 -14.97 -26.31 11.78
N ALA B 223 -14.22 -26.68 12.82
CA ALA B 223 -13.84 -25.74 13.87
C ALA B 223 -12.66 -26.25 14.69
N PHE B 224 -12.95 -26.84 15.85
CA PHE B 224 -11.92 -27.34 16.76
C PHE B 224 -11.20 -28.54 16.14
N VAL B 225 -9.89 -28.59 16.36
CA VAL B 225 -9.02 -29.47 15.58
C VAL B 225 -9.23 -30.94 15.93
N GLY B 226 -9.33 -31.26 17.22
CA GLY B 226 -9.45 -32.64 17.63
C GLY B 226 -8.15 -33.23 18.12
N THR B 227 -7.97 -33.31 19.44
CA THR B 227 -6.82 -33.97 20.05
C THR B 227 -7.16 -35.41 20.43
N ARG B 228 -8.27 -35.60 21.13
CA ARG B 228 -8.81 -36.91 21.44
C ARG B 228 -10.11 -37.14 20.69
N SER B 229 -10.28 -38.37 20.19
CA SER B 229 -11.46 -38.71 19.41
C SER B 229 -12.10 -39.94 20.04
N TYR B 230 -13.42 -39.90 20.20
CA TYR B 230 -14.17 -40.98 20.82
C TYR B 230 -15.29 -41.46 19.90
N MET B 231 -15.06 -41.41 18.59
CA MET B 231 -16.12 -41.61 17.62
C MET B 231 -16.01 -42.99 16.98
N SER B 232 -17.16 -43.61 16.71
CA SER B 232 -17.21 -44.99 16.25
C SER B 232 -16.62 -45.12 14.85
N PRO B 233 -16.01 -46.28 14.54
CA PRO B 233 -15.43 -46.48 13.20
C PRO B 233 -16.45 -46.46 12.06
N GLU B 234 -17.67 -46.97 12.29
CA GLU B 234 -18.59 -47.19 11.18
C GLU B 234 -19.09 -45.87 10.61
N ARG B 235 -19.10 -44.81 11.41
CA ARG B 235 -19.37 -43.49 10.88
C ARG B 235 -18.11 -42.85 10.34
N LEU B 236 -16.93 -43.34 10.74
CA LEU B 236 -15.69 -42.81 10.19
C LEU B 236 -15.46 -43.30 8.76
N GLN B 237 -15.98 -44.48 8.42
CA GLN B 237 -15.94 -44.82 6.99
C GLN B 237 -16.99 -44.05 6.19
N GLY B 238 -17.99 -43.48 6.84
CA GLY B 238 -19.10 -42.86 6.14
C GLY B 238 -20.27 -43.78 5.86
N THR B 239 -20.34 -44.94 6.51
CA THR B 239 -21.41 -45.89 6.30
C THR B 239 -22.60 -45.55 7.21
N HIS B 240 -23.53 -46.50 7.34
CA HIS B 240 -24.66 -46.33 8.24
C HIS B 240 -24.20 -46.24 9.69
N TYR B 241 -24.74 -45.27 10.42
CA TYR B 241 -24.49 -45.12 11.84
C TYR B 241 -25.82 -45.07 12.57
N SER B 242 -25.80 -45.44 13.85
CA SER B 242 -27.00 -45.52 14.66
C SER B 242 -26.61 -45.23 16.10
N VAL B 243 -27.46 -45.66 17.04
CA VAL B 243 -27.19 -45.53 18.47
C VAL B 243 -25.99 -46.39 18.88
N GLN B 244 -25.63 -47.37 18.06
CA GLN B 244 -24.44 -48.18 18.31
C GLN B 244 -23.17 -47.33 18.32
N SER B 245 -23.16 -46.22 17.58
CA SER B 245 -22.06 -45.27 17.64
C SER B 245 -21.95 -44.66 19.03
N ASP B 246 -23.08 -44.27 19.62
CA ASP B 246 -23.08 -43.73 20.97
C ASP B 246 -22.71 -44.81 21.99
N ILE B 247 -23.05 -46.06 21.71
CA ILE B 247 -22.66 -47.16 22.59
C ILE B 247 -21.14 -47.36 22.55
N TRP B 248 -20.55 -47.29 21.35
CA TRP B 248 -19.10 -47.35 21.20
C TRP B 248 -18.43 -46.20 21.96
N SER B 249 -18.97 -44.99 21.82
CA SER B 249 -18.40 -43.83 22.49
C SER B 249 -18.52 -43.96 24.01
N MET B 250 -19.65 -44.50 24.48
CA MET B 250 -19.84 -44.73 25.90
C MET B 250 -18.83 -45.75 26.42
N GLY B 251 -18.61 -46.83 25.68
CA GLY B 251 -17.63 -47.83 26.11
C GLY B 251 -16.22 -47.25 26.17
N LEU B 252 -15.85 -46.45 25.16
CA LEU B 252 -14.55 -45.80 25.16
C LEU B 252 -14.40 -44.83 26.32
N SER B 253 -15.47 -44.08 26.63
CA SER B 253 -15.43 -43.13 27.74
C SER B 253 -15.27 -43.85 29.08
N LEU B 254 -16.03 -44.94 29.29
CA LEU B 254 -15.92 -45.67 30.55
C LEU B 254 -14.57 -46.37 30.70
N VAL B 255 -13.98 -46.91 29.64
CA VAL B 255 -12.66 -47.49 29.81
C VAL B 255 -11.62 -46.39 30.04
N GLU B 256 -11.82 -45.22 29.42
CA GLU B 256 -10.91 -44.10 29.62
C GLU B 256 -10.95 -43.60 31.06
N MET B 257 -12.14 -43.49 31.65
CA MET B 257 -12.16 -43.11 33.06
C MET B 257 -11.84 -44.28 33.98
N ALA B 258 -11.87 -45.51 33.45
CA ALA B 258 -11.45 -46.66 34.26
C ALA B 258 -9.95 -46.65 34.49
N VAL B 259 -9.18 -46.41 33.43
CA VAL B 259 -7.73 -46.48 33.56
C VAL B 259 -7.04 -45.11 33.59
N GLY B 260 -7.73 -44.03 33.24
CA GLY B 260 -7.21 -42.69 33.42
C GLY B 260 -6.41 -42.13 32.27
N ARG B 261 -5.97 -42.95 31.33
CA ARG B 261 -5.24 -42.47 30.16
C ARG B 261 -5.48 -43.46 29.03
N TYR B 262 -5.17 -43.02 27.81
CA TYR B 262 -5.34 -43.92 26.68
C TYR B 262 -4.17 -44.90 26.68
N PRO B 263 -4.41 -46.21 26.76
CA PRO B 263 -3.36 -47.16 27.14
C PRO B 263 -2.36 -47.50 26.05
N ILE B 264 -2.35 -46.78 24.93
CA ILE B 264 -1.39 -47.03 23.86
C ILE B 264 -0.61 -45.74 23.64
N MET B 309 1.14 -38.87 19.46
CA MET B 309 0.64 -39.17 18.13
C MET B 309 -0.36 -38.12 17.66
N ALA B 310 -0.34 -37.83 16.37
CA ALA B 310 -1.29 -36.91 15.76
C ALA B 310 -2.61 -37.62 15.50
N ILE B 311 -3.64 -36.81 15.22
CA ILE B 311 -5.02 -37.29 15.22
C ILE B 311 -5.25 -38.33 14.13
N PHE B 312 -4.54 -38.20 12.99
CA PHE B 312 -4.66 -39.17 11.92
C PHE B 312 -4.17 -40.54 12.35
N GLU B 313 -3.15 -40.59 13.21
CA GLU B 313 -2.66 -41.86 13.73
C GLU B 313 -3.70 -42.55 14.60
N LEU B 314 -4.41 -41.78 15.45
CA LEU B 314 -5.50 -42.35 16.23
C LEU B 314 -6.62 -42.85 15.32
N LEU B 315 -6.94 -42.11 14.26
CA LEU B 315 -7.97 -42.55 13.33
C LEU B 315 -7.57 -43.86 12.65
N ASP B 316 -6.31 -43.95 12.22
CA ASP B 316 -5.81 -45.15 11.56
C ASP B 316 -5.81 -46.35 12.51
N TYR B 317 -5.40 -46.12 13.76
CA TYR B 317 -5.37 -47.18 14.76
C TYR B 317 -6.78 -47.66 15.08
N ILE B 318 -7.74 -46.73 15.13
CA ILE B 318 -9.11 -47.10 15.40
C ILE B 318 -9.69 -47.93 14.26
N VAL B 319 -9.46 -47.51 13.00
CA VAL B 319 -10.10 -48.21 11.89
C VAL B 319 -9.48 -49.59 11.67
N ASN B 320 -8.15 -49.73 11.78
CA ASN B 320 -7.55 -51.00 11.39
C ASN B 320 -7.29 -51.98 12.52
N GLU B 321 -7.49 -51.59 13.78
CA GLU B 321 -7.11 -52.46 14.88
C GLU B 321 -8.22 -52.60 15.90
N PRO B 322 -8.27 -53.72 16.63
CA PRO B 322 -9.25 -53.85 17.70
C PRO B 322 -8.91 -52.94 18.86
N PRO B 323 -9.89 -52.56 19.68
CA PRO B 323 -9.62 -51.66 20.81
C PRO B 323 -8.88 -52.38 21.91
N PRO B 324 -8.23 -51.65 22.82
CA PRO B 324 -7.56 -52.29 23.95
C PRO B 324 -8.54 -52.91 24.92
N LYS B 325 -8.06 -53.89 25.67
CA LYS B 325 -8.86 -54.64 26.64
C LYS B 325 -8.17 -54.65 27.99
N LEU B 326 -8.98 -54.80 29.04
CA LEU B 326 -8.49 -54.81 30.40
C LEU B 326 -7.91 -56.18 30.76
N PRO B 327 -6.92 -56.23 31.66
CA PRO B 327 -6.41 -57.52 32.12
C PRO B 327 -7.46 -58.30 32.90
N SER B 328 -7.41 -59.62 32.75
CA SER B 328 -8.36 -60.49 33.42
C SER B 328 -7.98 -60.78 34.86
N GLY B 329 -6.71 -60.64 35.22
CA GLY B 329 -6.27 -60.95 36.57
C GLY B 329 -6.47 -59.86 37.58
N VAL B 330 -6.96 -58.69 37.17
CA VAL B 330 -7.13 -57.56 38.07
C VAL B 330 -8.57 -57.48 38.55
N PHE B 331 -9.51 -57.36 37.61
CA PHE B 331 -10.91 -57.17 37.91
C PHE B 331 -11.71 -58.42 37.53
N SER B 332 -12.93 -58.47 38.05
CA SER B 332 -13.82 -59.60 37.82
C SER B 332 -14.27 -59.65 36.36
N LEU B 333 -14.53 -60.87 35.87
CA LEU B 333 -14.73 -61.10 34.45
C LEU B 333 -15.99 -60.44 33.92
N GLU B 334 -16.94 -60.13 34.80
CA GLU B 334 -18.19 -59.50 34.36
C GLU B 334 -17.98 -58.08 33.84
N PHE B 335 -17.00 -57.35 34.39
CA PHE B 335 -16.77 -55.98 33.91
C PHE B 335 -16.07 -56.00 32.55
N GLN B 336 -15.13 -56.92 32.36
CA GLN B 336 -14.56 -57.12 31.03
C GLN B 336 -15.61 -57.60 30.04
N ASP B 337 -16.60 -58.37 30.51
CA ASP B 337 -17.71 -58.77 29.64
C ASP B 337 -18.54 -57.56 29.25
N PHE B 338 -18.81 -56.65 30.19
CA PHE B 338 -19.45 -55.38 29.91
C PHE B 338 -18.72 -54.63 28.80
N VAL B 339 -17.41 -54.45 28.96
CA VAL B 339 -16.70 -53.57 28.04
C VAL B 339 -16.47 -54.25 26.69
N ASN B 340 -16.37 -55.59 26.65
CA ASN B 340 -16.15 -56.22 25.36
C ASN B 340 -17.46 -56.42 24.60
N LYS B 341 -18.60 -56.43 25.31
CA LYS B 341 -19.87 -56.30 24.60
C LYS B 341 -20.08 -54.86 24.12
N CYS B 342 -19.53 -53.89 24.85
CA CYS B 342 -19.65 -52.51 24.40
C CYS B 342 -18.59 -52.10 23.37
N LEU B 343 -17.55 -52.90 23.16
CA LEU B 343 -16.49 -52.57 22.21
C LEU B 343 -16.39 -53.60 21.10
N ILE B 344 -17.53 -53.94 20.50
CA ILE B 344 -17.58 -54.78 19.31
C ILE B 344 -17.49 -53.88 18.09
N LYS B 345 -16.61 -54.22 17.14
CA LYS B 345 -16.38 -53.38 15.98
C LYS B 345 -17.62 -53.33 15.08
N ASN B 346 -18.17 -54.48 14.74
CA ASN B 346 -19.32 -54.53 13.85
C ASN B 346 -20.57 -54.20 14.65
N PRO B 347 -21.35 -53.18 14.27
CA PRO B 347 -22.55 -52.85 15.05
C PRO B 347 -23.68 -53.85 14.90
N ALA B 348 -23.55 -54.85 14.03
CA ALA B 348 -24.60 -55.86 13.87
C ALA B 348 -24.73 -56.71 15.14
N GLU B 349 -23.61 -57.24 15.63
CA GLU B 349 -23.64 -58.03 16.86
C GLU B 349 -23.21 -57.23 18.07
N ARG B 350 -22.93 -55.93 17.92
CA ARG B 350 -22.72 -55.09 19.08
C ARG B 350 -24.04 -54.94 19.83
N ALA B 351 -23.97 -54.99 21.16
CA ALA B 351 -25.16 -55.09 21.99
C ALA B 351 -26.01 -53.84 21.91
N ASP B 352 -27.33 -54.05 21.83
CA ASP B 352 -28.32 -52.98 21.83
C ASP B 352 -28.75 -52.70 23.27
N LEU B 353 -29.52 -51.62 23.43
CA LEU B 353 -29.79 -51.06 24.75
C LEU B 353 -30.64 -51.99 25.60
N LYS B 354 -31.40 -52.88 24.96
CA LYS B 354 -32.27 -53.80 25.70
C LYS B 354 -31.44 -54.82 26.48
N GLN B 355 -30.42 -55.40 25.84
CA GLN B 355 -29.57 -56.31 26.58
C GLN B 355 -28.43 -55.60 27.30
N LEU B 356 -28.35 -54.27 27.22
CA LEU B 356 -27.68 -53.53 28.29
C LEU B 356 -28.60 -53.41 29.51
N MET B 357 -29.92 -53.34 29.29
CA MET B 357 -30.83 -53.25 30.42
C MET B 357 -30.93 -54.58 31.17
N VAL B 358 -30.99 -55.70 30.47
CA VAL B 358 -31.07 -56.99 31.13
C VAL B 358 -29.68 -57.58 31.41
N HIS B 359 -28.63 -56.79 31.22
CA HIS B 359 -27.29 -57.24 31.57
C HIS B 359 -27.12 -57.26 33.09
N ALA B 360 -26.30 -58.20 33.58
CA ALA B 360 -26.28 -58.48 35.01
C ALA B 360 -25.54 -57.39 35.79
N PHE B 361 -24.55 -56.75 35.16
CA PHE B 361 -23.73 -55.79 35.90
C PHE B 361 -24.53 -54.55 36.24
N ILE B 362 -25.34 -54.08 35.30
CA ILE B 362 -26.21 -52.94 35.52
C ILE B 362 -27.21 -53.23 36.63
N LYS B 363 -27.75 -54.46 36.66
CA LYS B 363 -28.67 -54.86 37.72
C LYS B 363 -27.97 -54.89 39.09
N ARG B 364 -26.76 -55.45 39.16
CA ARG B 364 -26.10 -55.52 40.45
C ARG B 364 -25.56 -54.16 40.90
N SER B 365 -25.31 -53.26 39.96
CA SER B 365 -24.95 -51.89 40.33
C SER B 365 -26.17 -51.11 40.79
N ASP B 366 -27.33 -51.38 40.20
CA ASP B 366 -28.57 -50.79 40.68
C ASP B 366 -28.90 -51.30 42.07
N ALA B 367 -28.60 -52.57 42.34
CA ALA B 367 -28.86 -53.16 43.65
C ALA B 367 -27.99 -52.51 44.73
N GLU B 368 -26.77 -52.13 44.38
CA GLU B 368 -25.91 -51.44 45.34
C GLU B 368 -26.43 -50.04 45.63
N GLU B 369 -26.27 -49.62 46.88
CA GLU B 369 -26.65 -48.28 47.33
C GLU B 369 -25.38 -47.47 47.46
N VAL B 370 -25.10 -46.63 46.47
CA VAL B 370 -23.90 -45.80 46.44
C VAL B 370 -24.34 -44.35 46.60
N ASP B 371 -23.91 -43.71 47.68
CA ASP B 371 -24.25 -42.32 47.95
C ASP B 371 -23.15 -41.45 47.34
N PHE B 372 -23.46 -40.83 46.21
CA PHE B 372 -22.46 -40.08 45.45
C PHE B 372 -22.20 -38.73 46.09
N ALA B 373 -23.22 -38.14 46.71
CA ALA B 373 -23.08 -36.83 47.34
C ALA B 373 -22.12 -36.86 48.51
N GLY B 374 -22.20 -37.91 49.34
CA GLY B 374 -21.29 -38.03 50.47
C GLY B 374 -19.85 -38.19 50.03
N TRP B 375 -19.62 -38.95 48.96
CA TRP B 375 -18.24 -39.15 48.52
C TRP B 375 -17.69 -37.89 47.86
N LEU B 376 -18.52 -37.12 47.15
CA LEU B 376 -18.02 -35.86 46.59
C LEU B 376 -17.75 -34.83 47.69
N CYS B 377 -18.57 -34.83 48.76
CA CYS B 377 -18.30 -33.93 49.88
C CYS B 377 -17.05 -34.34 50.63
N SER B 378 -16.75 -35.65 50.67
CA SER B 378 -15.47 -36.08 51.22
C SER B 378 -14.32 -35.69 50.31
N THR B 379 -14.56 -35.69 48.99
CA THR B 379 -13.53 -35.29 48.03
C THR B 379 -13.18 -33.82 48.15
N ILE B 380 -14.18 -32.95 48.15
CA ILE B 380 -13.92 -31.51 48.27
C ILE B 380 -13.54 -31.15 49.70
N GLY B 381 -14.27 -31.66 50.68
CA GLY B 381 -14.00 -31.37 52.07
C GLY B 381 -15.06 -30.52 52.73
N ASP C 256 12.39 -6.19 0.92
CA ASP C 256 12.87 -5.00 1.61
C ASP C 256 14.13 -4.48 0.92
N TRP C 257 15.29 -4.84 1.47
CA TRP C 257 16.56 -4.53 0.85
C TRP C 257 16.94 -5.64 -0.11
N GLU C 258 18.24 -5.73 -0.46
CA GLU C 258 18.88 -6.69 -1.34
C GLU C 258 18.68 -6.29 -2.81
N ILE C 259 19.49 -6.88 -3.68
CA ILE C 259 19.57 -6.49 -5.08
C ILE C 259 18.75 -7.46 -5.92
N GLU C 260 18.11 -6.94 -6.96
CA GLU C 260 17.40 -7.74 -7.95
C GLU C 260 18.39 -8.18 -9.03
N ALA C 261 17.87 -8.65 -10.16
CA ALA C 261 18.69 -9.22 -11.22
C ALA C 261 18.05 -8.87 -12.55
N SER C 262 18.42 -9.61 -13.60
CA SER C 262 17.98 -9.34 -14.96
C SER C 262 16.55 -9.81 -15.24
N GLU C 263 15.78 -10.08 -14.19
CA GLU C 263 14.38 -10.43 -14.36
C GLU C 263 13.58 -9.29 -14.99
N VAL C 264 13.89 -8.05 -14.61
CA VAL C 264 13.33 -6.90 -15.28
C VAL C 264 13.88 -6.81 -16.70
N MET C 265 13.11 -6.20 -17.60
CA MET C 265 13.51 -6.09 -18.99
C MET C 265 13.80 -4.64 -19.36
N LEU C 266 14.78 -4.45 -20.24
CA LEU C 266 15.11 -3.15 -20.81
C LEU C 266 14.50 -3.06 -22.20
N SER C 267 13.65 -2.05 -22.41
CA SER C 267 12.96 -1.88 -23.68
C SER C 267 13.80 -1.15 -24.71
N THR C 268 14.45 -0.06 -24.32
CA THR C 268 15.27 0.74 -25.23
C THR C 268 16.61 1.02 -24.57
N ARG C 269 17.68 0.85 -25.34
CA ARG C 269 19.03 1.10 -24.83
C ARG C 269 19.49 2.50 -25.20
N PHE C 275 15.50 13.11 -18.45
CA PHE C 275 14.05 13.08 -18.54
C PHE C 275 13.57 12.44 -19.84
N GLY C 276 13.11 11.20 -19.75
CA GLY C 276 12.52 10.53 -20.89
C GLY C 276 11.01 10.62 -20.85
N THR C 277 10.31 9.59 -21.29
CA THR C 277 8.86 9.57 -21.23
C THR C 277 8.31 8.43 -20.39
N VAL C 278 8.79 7.20 -20.55
CA VAL C 278 8.36 6.06 -19.74
C VAL C 278 9.57 5.23 -19.36
N TYR C 279 9.61 4.78 -18.11
CA TYR C 279 10.64 3.86 -17.63
C TYR C 279 10.02 2.64 -16.98
N LYS C 280 8.83 2.24 -17.44
CA LYS C 280 8.04 1.20 -16.78
C LYS C 280 8.64 -0.18 -17.03
N GLY C 281 8.60 -1.03 -16.01
CA GLY C 281 9.11 -2.37 -16.08
C GLY C 281 8.09 -3.39 -15.63
N LYS C 282 8.53 -4.65 -15.55
CA LYS C 282 7.69 -5.77 -15.17
C LYS C 282 8.49 -6.71 -14.28
N TRP C 283 8.09 -6.81 -13.01
CA TRP C 283 8.77 -7.71 -12.07
C TRP C 283 7.73 -8.13 -11.04
N HIS C 284 7.10 -9.28 -11.27
CA HIS C 284 5.88 -9.71 -10.56
C HIS C 284 4.83 -8.60 -10.54
N GLY C 285 4.37 -8.25 -11.74
CA GLY C 285 3.41 -7.19 -11.91
C GLY C 285 4.05 -5.92 -12.44
N ASP C 286 3.21 -4.91 -12.64
CA ASP C 286 3.68 -3.63 -13.14
C ASP C 286 4.48 -2.91 -12.06
N VAL C 287 5.68 -2.46 -12.42
CA VAL C 287 6.57 -1.74 -11.51
C VAL C 287 7.11 -0.51 -12.24
N ALA C 288 7.66 0.41 -11.46
CA ALA C 288 8.25 1.64 -11.97
C ALA C 288 9.74 1.65 -11.64
N VAL C 289 10.55 1.96 -12.65
CA VAL C 289 12.00 1.94 -12.53
C VAL C 289 12.52 3.36 -12.71
N LYS C 290 13.52 3.73 -11.91
CA LYS C 290 14.20 5.02 -12.05
C LYS C 290 15.53 4.79 -12.74
N ILE C 291 15.75 5.49 -13.85
CA ILE C 291 16.96 5.41 -14.68
C ILE C 291 17.28 3.98 -15.11
N PRO C 297 28.30 5.74 -13.00
CA PRO C 297 29.23 5.34 -11.94
C PRO C 297 29.95 6.53 -11.31
N THR C 298 29.51 7.74 -11.67
CA THR C 298 30.11 8.95 -11.14
C THR C 298 29.77 9.09 -9.65
N PRO C 299 30.68 9.70 -8.87
CA PRO C 299 30.42 9.84 -7.42
C PRO C 299 29.19 10.64 -7.06
N GLU C 300 28.88 11.70 -7.82
CA GLU C 300 27.78 12.59 -7.45
C GLU C 300 26.43 11.90 -7.58
N GLN C 301 26.34 10.91 -8.47
CA GLN C 301 25.14 10.10 -8.54
C GLN C 301 25.06 9.14 -7.36
N PHE C 302 26.21 8.72 -6.85
CA PHE C 302 26.25 7.72 -5.79
C PHE C 302 25.79 8.30 -4.45
N GLN C 303 26.12 9.56 -4.18
CA GLN C 303 25.68 10.21 -2.95
C GLN C 303 24.16 10.27 -2.88
N ALA C 304 23.55 10.81 -3.93
CA ALA C 304 22.10 10.90 -3.99
C ALA C 304 21.45 9.54 -4.04
N PHE C 305 22.08 8.56 -4.70
CA PHE C 305 21.51 7.22 -4.80
C PHE C 305 21.47 6.54 -3.42
N ARG C 306 22.55 6.66 -2.65
CA ARG C 306 22.50 6.03 -1.33
C ARG C 306 21.59 6.81 -0.40
N ASN C 307 21.46 8.12 -0.61
CA ASN C 307 20.48 8.88 0.18
C ASN C 307 19.06 8.42 -0.13
N GLU C 308 18.76 8.17 -1.41
CA GLU C 308 17.45 7.66 -1.79
C GLU C 308 17.17 6.30 -1.16
N VAL C 309 18.13 5.38 -1.23
CA VAL C 309 17.87 4.06 -0.66
C VAL C 309 17.77 4.13 0.86
N ALA C 310 18.57 5.02 1.48
CA ALA C 310 18.54 5.15 2.93
C ALA C 310 17.21 5.71 3.43
N VAL C 311 16.64 6.68 2.70
CA VAL C 311 15.35 7.20 3.14
C VAL C 311 14.23 6.23 2.75
N LEU C 312 14.41 5.44 1.69
CA LEU C 312 13.32 4.58 1.24
C LEU C 312 13.23 3.29 2.03
N ARG C 313 14.30 2.90 2.75
CA ARG C 313 14.15 1.74 3.63
C ARG C 313 13.22 2.00 4.81
N LYS C 314 13.05 3.27 5.20
CA LYS C 314 12.22 3.56 6.37
C LYS C 314 10.75 3.77 6.05
N THR C 315 10.38 3.99 4.79
CA THR C 315 9.02 4.40 4.45
C THR C 315 8.13 3.18 4.27
N ARG C 316 7.20 2.98 5.21
CA ARG C 316 6.12 2.00 5.06
C ARG C 316 4.82 2.69 5.48
N HIS C 317 4.06 3.17 4.51
CA HIS C 317 2.77 3.78 4.79
C HIS C 317 1.94 3.75 3.53
N VAL C 318 0.62 3.71 3.71
CA VAL C 318 -0.30 3.59 2.59
C VAL C 318 -0.34 4.87 1.74
N ASN C 319 0.06 6.01 2.29
CA ASN C 319 0.12 7.26 1.55
C ASN C 319 1.48 7.52 0.92
N ILE C 320 2.46 6.66 1.17
CA ILE C 320 3.81 6.83 0.66
C ILE C 320 4.04 5.79 -0.43
N LEU C 321 4.71 6.21 -1.51
CA LEU C 321 5.06 5.31 -2.59
C LEU C 321 5.96 4.19 -2.07
N LEU C 322 5.63 2.95 -2.45
CA LEU C 322 6.25 1.78 -1.86
C LEU C 322 7.54 1.44 -2.59
N PHE C 323 8.66 1.66 -1.92
CA PHE C 323 9.96 1.24 -2.43
C PHE C 323 10.05 -0.28 -2.43
N MET C 324 10.57 -0.85 -3.52
CA MET C 324 10.60 -2.29 -3.70
C MET C 324 12.01 -2.88 -3.67
N GLY C 325 12.97 -2.25 -4.32
CA GLY C 325 14.32 -2.79 -4.34
C GLY C 325 15.25 -1.87 -5.12
N TYR C 326 16.52 -2.23 -5.10
CA TYR C 326 17.56 -1.45 -5.74
C TYR C 326 18.46 -2.36 -6.57
N MET C 327 19.12 -1.77 -7.56
CA MET C 327 20.10 -2.48 -8.37
C MET C 327 21.36 -1.63 -8.46
N THR C 328 22.49 -2.22 -8.08
CA THR C 328 23.78 -1.55 -8.14
C THR C 328 24.62 -1.94 -9.34
N LYS C 329 24.47 -3.17 -9.82
CA LYS C 329 25.20 -3.62 -11.00
C LYS C 329 24.65 -2.93 -12.25
N ASP C 330 25.54 -2.64 -13.19
CA ASP C 330 25.27 -1.95 -14.47
C ASP C 330 24.79 -0.54 -14.10
N ASN C 331 23.75 -0.02 -14.73
CA ASN C 331 23.27 1.33 -14.40
C ASN C 331 22.53 1.34 -13.06
N LEU C 332 22.49 2.51 -12.44
CA LEU C 332 21.80 2.66 -11.17
C LEU C 332 20.29 2.67 -11.40
N ALA C 333 19.59 1.84 -10.63
CA ALA C 333 18.15 1.69 -10.81
C ALA C 333 17.48 1.59 -9.45
N ILE C 334 16.26 2.11 -9.39
CA ILE C 334 15.39 1.99 -8.22
C ILE C 334 14.02 1.52 -8.71
N VAL C 335 13.55 0.40 -8.18
CA VAL C 335 12.29 -0.19 -8.59
C VAL C 335 11.25 0.08 -7.51
N THR C 336 10.06 0.49 -7.93
CA THR C 336 8.95 0.77 -7.03
C THR C 336 7.66 0.40 -7.73
N GLN C 337 6.56 0.46 -6.99
CA GLN C 337 5.26 0.06 -7.52
C GLN C 337 4.79 1.01 -8.62
N TRP C 338 4.01 0.47 -9.55
CA TRP C 338 3.45 1.25 -10.65
C TRP C 338 2.06 1.72 -10.26
N CYS C 339 1.91 3.01 -10.02
CA CYS C 339 0.62 3.57 -9.70
C CYS C 339 -0.22 3.72 -10.97
N GLU C 340 -1.53 3.60 -10.81
CA GLU C 340 -2.47 3.76 -11.90
C GLU C 340 -3.14 5.12 -11.80
N GLY C 341 -3.05 5.90 -12.87
CA GLY C 341 -3.63 7.23 -12.89
C GLY C 341 -2.66 8.28 -13.41
N SER C 342 -2.87 9.53 -13.00
CA SER C 342 -2.02 10.63 -13.42
C SER C 342 -1.53 11.40 -12.19
N SER C 343 -0.54 12.24 -12.41
CA SER C 343 -0.07 13.13 -11.34
C SER C 343 -1.11 14.20 -11.04
N LEU C 344 -0.99 14.79 -9.85
CA LEU C 344 -1.95 15.81 -9.42
C LEU C 344 -1.86 17.06 -10.28
N TYR C 345 -0.65 17.36 -10.78
CA TYR C 345 -0.45 18.52 -11.65
C TYR C 345 -1.24 18.36 -12.95
N LYS C 346 -1.25 17.17 -13.52
CA LYS C 346 -2.08 16.91 -14.69
C LYS C 346 -3.56 17.03 -14.35
N HIS C 347 -3.94 16.59 -13.15
CA HIS C 347 -5.34 16.60 -12.77
C HIS C 347 -5.85 18.03 -12.55
N LEU C 348 -4.97 18.97 -12.25
CA LEU C 348 -5.43 20.35 -12.05
C LEU C 348 -5.16 21.27 -13.24
N HIS C 349 -4.07 21.07 -13.99
CA HIS C 349 -3.64 22.05 -14.97
C HIS C 349 -3.54 21.51 -16.39
N VAL C 350 -3.83 20.23 -16.63
CA VAL C 350 -3.76 19.66 -17.97
C VAL C 350 -5.14 19.22 -18.44
N GLN C 351 -5.81 18.34 -17.70
CA GLN C 351 -7.12 17.84 -18.10
C GLN C 351 -8.27 18.60 -17.44
N GLU C 352 -8.01 19.27 -16.31
CA GLU C 352 -9.03 20.03 -15.56
C GLU C 352 -10.22 19.15 -15.19
N THR C 353 -9.96 18.14 -14.36
CA THR C 353 -11.02 17.27 -13.88
C THR C 353 -11.92 18.03 -12.91
N LYS C 354 -13.22 17.90 -13.11
CA LYS C 354 -14.21 18.60 -12.27
C LYS C 354 -14.27 17.83 -10.96
N PHE C 355 -13.40 18.21 -10.02
CA PHE C 355 -13.43 17.61 -8.70
C PHE C 355 -14.51 18.27 -7.85
N GLN C 356 -15.10 17.49 -6.96
CA GLN C 356 -15.98 18.00 -5.93
C GLN C 356 -15.19 18.34 -4.68
N MET C 357 -15.84 19.05 -3.75
CA MET C 357 -15.12 19.60 -2.61
C MET C 357 -14.71 18.53 -1.62
N PHE C 358 -15.55 17.50 -1.44
CA PHE C 358 -15.21 16.42 -0.52
C PHE C 358 -13.98 15.66 -0.99
N GLN C 359 -13.84 15.51 -2.31
CA GLN C 359 -12.63 14.88 -2.86
C GLN C 359 -11.39 15.73 -2.59
N LEU C 360 -11.51 17.05 -2.72
CA LEU C 360 -10.36 17.93 -2.49
C LEU C 360 -9.95 17.92 -1.02
N ILE C 361 -10.93 17.95 -0.11
CA ILE C 361 -10.63 17.88 1.32
C ILE C 361 -10.03 16.52 1.68
N ASP C 362 -10.51 15.45 1.04
CA ASP C 362 -9.92 14.13 1.28
C ASP C 362 -8.48 14.08 0.79
N ILE C 363 -8.20 14.68 -0.37
CA ILE C 363 -6.82 14.74 -0.87
C ILE C 363 -5.94 15.52 0.09
N ALA C 364 -6.45 16.65 0.59
CA ALA C 364 -5.69 17.48 1.53
C ALA C 364 -5.38 16.72 2.82
N ARG C 365 -6.37 15.99 3.35
CA ARG C 365 -6.13 15.30 4.62
C ARG C 365 -5.23 14.09 4.43
N GLN C 366 -5.30 13.42 3.27
CA GLN C 366 -4.37 12.33 3.00
C GLN C 366 -2.93 12.82 2.88
N THR C 367 -2.72 13.91 2.16
CA THR C 367 -1.36 14.48 2.06
C THR C 367 -0.87 14.98 3.41
N ALA C 368 -1.76 15.57 4.21
CA ALA C 368 -1.39 15.99 5.56
C ALA C 368 -1.01 14.81 6.43
N GLN C 369 -1.71 13.69 6.26
CA GLN C 369 -1.45 12.51 7.08
C GLN C 369 -0.10 11.90 6.70
N GLY C 370 0.20 11.87 5.40
CA GLY C 370 1.50 11.40 4.94
C GLY C 370 2.65 12.27 5.43
N MET C 371 2.48 13.59 5.37
CA MET C 371 3.47 14.49 5.95
C MET C 371 3.61 14.32 7.45
N ASP C 372 2.50 14.10 8.16
CA ASP C 372 2.58 13.94 9.60
C ASP C 372 3.38 12.68 9.93
N TYR C 373 3.17 11.62 9.16
CA TYR C 373 3.96 10.39 9.35
C TYR C 373 5.44 10.63 9.06
N LEU C 374 5.74 11.34 7.96
CA LEU C 374 7.13 11.57 7.59
C LEU C 374 7.86 12.44 8.61
N HIS C 375 7.20 13.50 9.10
CA HIS C 375 7.83 14.38 10.07
C HIS C 375 7.90 13.74 11.45
N ALA C 376 6.95 12.87 11.77
CA ALA C 376 7.04 12.13 13.03
C ALA C 376 8.15 11.10 12.98
N LYS C 377 8.48 10.60 11.79
CA LYS C 377 9.61 9.70 11.64
C LYS C 377 10.86 10.46 11.16
N ASN C 378 10.84 11.79 11.28
CA ASN C 378 12.03 12.65 11.12
C ASN C 378 12.62 12.52 9.71
N ILE C 379 11.81 12.93 8.73
CA ILE C 379 12.18 12.89 7.31
C ILE C 379 11.75 14.20 6.65
N ILE C 380 12.67 14.81 5.90
CA ILE C 380 12.35 15.98 5.07
C ILE C 380 12.63 15.66 3.62
N HIS C 381 11.58 15.69 2.80
CA HIS C 381 11.73 15.56 1.36
C HIS C 381 12.21 16.86 0.72
N ARG C 382 11.87 17.99 1.33
CA ARG C 382 12.26 19.36 0.98
C ARG C 382 11.68 19.83 -0.36
N ASP C 383 10.93 18.98 -1.06
CA ASP C 383 10.70 19.19 -2.49
C ASP C 383 9.26 18.91 -2.88
N MET C 384 8.30 19.50 -2.17
CA MET C 384 6.92 19.40 -2.61
C MET C 384 6.66 20.17 -3.89
N LYS C 385 5.85 19.57 -4.75
CA LYS C 385 5.07 20.24 -5.78
C LYS C 385 3.97 19.27 -6.17
N SER C 386 3.04 19.73 -7.00
CA SER C 386 1.97 18.85 -7.44
C SER C 386 2.45 17.83 -8.46
N ASN C 387 3.70 17.96 -8.96
CA ASN C 387 4.26 16.94 -9.83
C ASN C 387 4.53 15.64 -9.09
N ASN C 388 4.92 15.71 -7.82
CA ASN C 388 5.30 14.53 -7.05
C ASN C 388 4.14 13.86 -6.36
N ILE C 389 2.92 14.35 -6.56
CA ILE C 389 1.72 13.76 -5.96
C ILE C 389 0.96 13.03 -7.05
N PHE C 390 0.85 11.71 -6.91
CA PHE C 390 0.13 10.86 -7.84
C PHE C 390 -1.18 10.40 -7.22
N LEU C 391 -2.24 10.35 -8.03
CA LEU C 391 -3.55 9.86 -7.61
C LEU C 391 -3.68 8.41 -8.03
N HIS C 392 -3.55 7.51 -7.07
CA HIS C 392 -3.63 6.07 -7.36
C HIS C 392 -5.09 5.68 -7.50
N GLU C 393 -5.45 5.20 -8.70
CA GLU C 393 -6.83 5.10 -9.23
C GLU C 393 -7.70 6.31 -8.89
N GLY C 394 -7.09 7.50 -8.83
CA GLY C 394 -7.81 8.72 -8.50
C GLY C 394 -8.40 8.77 -7.11
N LEU C 395 -8.02 7.86 -6.21
CA LEU C 395 -8.61 7.76 -4.89
C LEU C 395 -7.61 7.97 -3.77
N THR C 396 -6.49 7.24 -3.80
CA THR C 396 -5.52 7.25 -2.73
C THR C 396 -4.25 7.97 -3.18
N VAL C 397 -3.74 8.84 -2.32
CA VAL C 397 -2.55 9.63 -2.65
C VAL C 397 -1.31 8.74 -2.56
N LYS C 398 -0.30 9.06 -3.37
CA LYS C 398 1.01 8.44 -3.27
C LYS C 398 2.06 9.54 -3.38
N ILE C 399 2.91 9.65 -2.37
CA ILE C 399 3.98 10.64 -2.34
C ILE C 399 5.29 9.94 -2.67
N GLY C 400 5.99 10.43 -3.69
CA GLY C 400 7.20 9.77 -4.14
C GLY C 400 8.32 10.72 -4.53
N ASP C 401 9.27 10.18 -5.32
CA ASP C 401 10.40 10.93 -5.88
C ASP C 401 11.26 11.55 -4.77
N PHE C 402 11.88 10.68 -3.97
CA PHE C 402 12.65 11.08 -2.80
C PHE C 402 14.12 11.34 -3.12
N GLY C 403 14.41 11.82 -4.33
CA GLY C 403 15.80 12.11 -4.69
C GLY C 403 16.45 13.16 -3.82
N LEU C 404 15.67 14.16 -3.39
CA LEU C 404 16.16 15.21 -2.51
C LEU C 404 15.66 15.06 -1.08
N ALA C 405 15.36 13.84 -0.65
CA ALA C 405 14.97 13.62 0.73
C ALA C 405 16.18 13.65 1.65
N THR C 406 15.93 13.82 2.94
CA THR C 406 17.01 13.87 3.91
C THR C 406 16.51 13.40 5.27
N VAL C 407 17.47 13.11 6.15
CA VAL C 407 17.20 12.77 7.54
C VAL C 407 17.80 13.85 8.43
N LYS C 408 16.96 14.45 9.27
CA LYS C 408 17.47 15.42 10.22
C LYS C 408 18.31 14.74 11.29
N SER C 409 19.26 15.48 11.83
CA SER C 409 20.11 14.99 12.90
C SER C 409 20.61 16.18 13.71
N ARG C 410 21.32 15.89 14.79
CA ARG C 410 21.92 16.95 15.59
C ARG C 410 23.09 17.59 14.88
N TRP C 411 23.68 16.92 13.89
CA TRP C 411 24.75 17.47 13.08
C TRP C 411 24.27 17.93 11.70
N SER C 412 22.95 17.97 11.48
CA SER C 412 22.43 18.39 10.18
C SER C 412 22.68 19.88 9.93
N GLY C 413 22.78 20.67 10.99
CA GLY C 413 23.11 22.08 10.84
C GLY C 413 24.56 22.33 10.53
N SER C 414 25.43 21.35 10.74
CA SER C 414 26.85 21.53 10.45
C SER C 414 27.11 21.53 8.94
N GLN C 415 26.47 20.61 8.22
CA GLN C 415 26.65 20.54 6.78
C GLN C 415 25.93 21.68 6.09
N GLN C 416 26.49 22.14 4.97
CA GLN C 416 25.91 23.23 4.20
C GLN C 416 25.11 22.66 3.03
N VAL C 417 23.85 23.06 2.92
CA VAL C 417 22.96 22.48 1.94
C VAL C 417 23.27 23.06 0.56
N GLU C 418 22.95 22.28 -0.48
CA GLU C 418 23.20 22.65 -1.87
C GLU C 418 21.99 23.38 -2.45
N GLN C 419 22.15 23.83 -3.69
CA GLN C 419 21.09 24.56 -4.37
C GLN C 419 19.97 23.60 -4.77
N PRO C 420 18.71 23.96 -4.53
CA PRO C 420 17.61 23.05 -4.89
C PRO C 420 17.36 22.96 -6.39
N THR C 421 17.70 24.01 -7.14
CA THR C 421 17.60 24.18 -8.60
C THR C 421 16.31 23.63 -9.22
N GLY C 422 15.21 23.70 -8.48
CA GLY C 422 13.94 23.23 -8.98
C GLY C 422 13.08 24.34 -9.55
N SER C 423 11.80 24.37 -9.17
CA SER C 423 10.86 25.38 -9.62
C SER C 423 10.52 26.29 -8.45
N VAL C 424 10.68 27.60 -8.65
CA VAL C 424 10.67 28.56 -7.54
C VAL C 424 9.28 28.82 -6.96
N LEU C 425 8.23 28.24 -7.53
CA LEU C 425 6.88 28.58 -7.11
C LEU C 425 6.52 27.94 -5.76
N TRP C 426 7.19 26.84 -5.40
CA TRP C 426 6.87 26.15 -4.16
C TRP C 426 7.87 26.38 -3.03
N MET C 427 9.04 26.97 -3.30
CA MET C 427 10.00 27.20 -2.23
C MET C 427 9.58 28.35 -1.35
N ALA C 428 10.12 28.36 -0.11
CA ALA C 428 9.93 29.33 0.97
C ALA C 428 10.84 30.53 0.79
N PRO C 429 10.43 31.70 1.31
CA PRO C 429 11.32 32.87 1.25
C PRO C 429 12.66 32.66 1.95
N GLU C 430 12.67 31.96 3.09
CA GLU C 430 13.93 31.68 3.77
C GLU C 430 14.76 30.68 3.01
N VAL C 431 14.12 29.80 2.23
CA VAL C 431 14.87 28.92 1.34
C VAL C 431 15.50 29.70 0.20
N ILE C 432 14.73 30.56 -0.45
CA ILE C 432 15.22 31.21 -1.65
C ILE C 432 16.22 32.31 -1.30
N ARG C 433 16.17 32.84 -0.07
CA ARG C 433 17.23 33.72 0.39
C ARG C 433 18.53 32.96 0.63
N MET C 434 18.43 31.85 1.36
CA MET C 434 19.56 31.04 1.83
C MET C 434 20.55 31.92 2.60
N GLN C 435 20.10 32.39 3.75
CA GLN C 435 20.93 33.14 4.66
C GLN C 435 21.40 32.31 5.83
N ASP C 436 20.55 31.41 6.32
CA ASP C 436 20.95 30.42 7.31
C ASP C 436 21.71 29.28 6.64
N ASN C 437 22.51 28.57 7.44
CA ASN C 437 23.26 27.43 6.92
C ASN C 437 22.33 26.31 6.46
N ASN C 438 21.27 26.04 7.21
CA ASN C 438 20.26 25.05 6.84
C ASN C 438 18.91 25.73 6.92
N PRO C 439 18.45 26.34 5.83
CA PRO C 439 17.13 27.00 5.85
C PRO C 439 15.96 26.02 5.92
N PHE C 440 16.19 24.74 5.65
CA PHE C 440 15.11 23.77 5.60
C PHE C 440 14.72 23.30 6.99
N SER C 441 13.41 23.12 7.18
CA SER C 441 12.87 22.67 8.45
C SER C 441 11.50 22.05 8.18
N PHE C 442 10.72 21.84 9.25
CA PHE C 442 9.34 21.43 9.08
C PHE C 442 8.52 22.51 8.39
N GLN C 443 8.78 23.77 8.72
CA GLN C 443 7.92 24.86 8.27
C GLN C 443 8.09 25.17 6.79
N SER C 444 9.26 24.87 6.22
CA SER C 444 9.42 24.99 4.78
C SER C 444 8.51 24.01 4.03
N ASP C 445 8.46 22.77 4.52
CA ASP C 445 7.51 21.79 3.97
C ASP C 445 6.07 22.20 4.24
N VAL C 446 5.82 22.86 5.37
CA VAL C 446 4.48 23.37 5.67
C VAL C 446 4.08 24.44 4.65
N TYR C 447 5.01 25.34 4.31
CA TYR C 447 4.75 26.35 3.30
C TYR C 447 4.51 25.73 1.92
N SER C 448 5.30 24.72 1.58
CA SER C 448 5.11 24.04 0.31
C SER C 448 3.75 23.34 0.24
N TYR C 449 3.35 22.71 1.35
CA TYR C 449 2.01 22.13 1.45
C TYR C 449 0.93 23.22 1.39
N GLY C 450 1.24 24.41 1.88
CA GLY C 450 0.29 25.51 1.73
C GLY C 450 0.09 25.93 0.29
N ILE C 451 1.18 25.94 -0.48
CA ILE C 451 1.06 26.19 -1.91
C ILE C 451 0.26 25.09 -2.59
N VAL C 452 0.44 23.84 -2.12
CA VAL C 452 -0.37 22.73 -2.61
C VAL C 452 -1.85 22.94 -2.30
N LEU C 453 -2.15 23.43 -1.09
CA LEU C 453 -3.53 23.75 -0.74
C LEU C 453 -4.10 24.84 -1.62
N TYR C 454 -3.29 25.86 -1.92
CA TYR C 454 -3.69 26.89 -2.86
C TYR C 454 -4.04 26.30 -4.22
N GLU C 455 -3.20 25.38 -4.72
CA GLU C 455 -3.44 24.78 -6.02
C GLU C 455 -4.69 23.90 -6.01
N LEU C 456 -4.97 23.26 -4.87
CA LEU C 456 -6.19 22.47 -4.77
C LEU C 456 -7.43 23.36 -4.72
N MET C 457 -7.37 24.45 -3.96
CA MET C 457 -8.55 25.28 -3.73
C MET C 457 -8.77 26.34 -4.81
N THR C 458 -7.81 26.56 -5.70
CA THR C 458 -7.98 27.55 -6.77
C THR C 458 -7.99 26.91 -8.15
N GLY C 459 -6.97 26.13 -8.49
CA GLY C 459 -6.90 25.49 -9.78
C GLY C 459 -5.93 26.09 -10.76
N GLU C 460 -5.10 27.05 -10.34
CA GLU C 460 -4.11 27.64 -11.22
C GLU C 460 -2.82 27.84 -10.45
N LEU C 461 -1.73 28.05 -11.20
CA LEU C 461 -0.42 28.20 -10.60
C LEU C 461 -0.32 29.55 -9.87
N PRO C 462 0.49 29.64 -8.82
CA PRO C 462 0.66 30.92 -8.12
C PRO C 462 1.40 31.94 -8.97
N TYR C 463 1.07 33.21 -8.71
CA TYR C 463 1.63 34.37 -9.43
C TYR C 463 1.40 34.24 -10.94
N SER C 464 0.12 34.11 -11.31
CA SER C 464 -0.24 33.96 -12.72
C SER C 464 0.00 35.23 -13.51
N HIS C 465 -0.17 36.38 -12.87
CA HIS C 465 0.04 37.67 -13.53
C HIS C 465 1.51 37.98 -13.76
N ILE C 466 2.42 37.19 -13.19
CA ILE C 466 3.85 37.36 -13.40
C ILE C 466 4.33 36.30 -14.39
N ASN C 467 5.09 36.75 -15.39
CA ASN C 467 5.68 35.87 -16.40
C ASN C 467 7.20 36.02 -16.44
N ASN C 468 7.81 36.15 -15.27
CA ASN C 468 9.26 36.24 -15.15
C ASN C 468 9.64 35.54 -13.85
N ARG C 469 10.56 34.57 -13.92
CA ARG C 469 10.92 33.83 -12.72
C ARG C 469 11.74 34.69 -11.78
N ASP C 470 12.64 35.52 -12.32
CA ASP C 470 13.47 36.38 -11.49
C ASP C 470 12.63 37.42 -10.75
N GLN C 471 11.57 37.91 -11.42
CA GLN C 471 10.58 38.75 -10.76
C GLN C 471 9.99 38.06 -9.54
N ILE C 472 9.64 36.78 -9.69
CA ILE C 472 9.09 36.00 -8.59
C ILE C 472 10.11 35.83 -7.48
N ILE C 473 11.36 35.53 -7.84
CA ILE C 473 12.42 35.28 -6.86
C ILE C 473 12.67 36.52 -6.01
N PHE C 474 12.79 37.68 -6.66
CA PHE C 474 13.08 38.89 -5.89
C PHE C 474 11.85 39.37 -5.14
N MET C 475 10.66 39.21 -5.74
CA MET C 475 9.46 39.78 -5.13
C MET C 475 8.97 38.93 -3.97
N VAL C 476 9.31 37.64 -3.97
CA VAL C 476 8.93 36.77 -2.85
C VAL C 476 10.04 36.71 -1.80
N GLY C 477 11.30 36.67 -2.24
CA GLY C 477 12.41 36.53 -1.30
C GLY C 477 12.63 37.77 -0.45
N ARG C 478 12.12 38.91 -0.88
CA ARG C 478 12.12 40.12 -0.07
C ARG C 478 10.89 40.23 0.80
N GLY C 479 10.00 39.24 0.77
CA GLY C 479 8.77 39.30 1.53
C GLY C 479 7.72 40.23 0.96
N TYR C 480 7.87 40.66 -0.28
CA TYR C 480 6.95 41.63 -0.86
C TYR C 480 5.78 40.99 -1.59
N ALA C 481 5.74 39.67 -1.70
CA ALA C 481 4.68 39.00 -2.44
C ALA C 481 4.08 37.86 -1.64
N SER C 482 2.83 37.53 -1.97
CA SER C 482 2.13 36.39 -1.42
C SER C 482 1.07 35.99 -2.44
N PRO C 483 0.64 34.72 -2.45
CA PRO C 483 -0.49 34.33 -3.31
C PRO C 483 -1.76 35.07 -2.94
N ASP C 484 -2.56 35.38 -3.97
CA ASP C 484 -3.77 36.16 -3.78
C ASP C 484 -4.83 35.28 -3.13
N LEU C 485 -5.25 35.65 -1.92
CA LEU C 485 -6.26 34.90 -1.21
C LEU C 485 -7.68 35.21 -1.67
N SER C 486 -7.85 36.23 -2.53
CA SER C 486 -9.18 36.59 -3.01
C SER C 486 -9.66 35.66 -4.12
N LYS C 487 -8.78 34.84 -4.68
CA LYS C 487 -9.19 33.90 -5.72
C LYS C 487 -9.84 32.65 -5.17
N LEU C 488 -9.88 32.47 -3.85
CA LEU C 488 -10.59 31.36 -3.26
C LEU C 488 -12.10 31.54 -3.47
N TYR C 489 -12.79 30.41 -3.63
CA TYR C 489 -14.21 30.41 -3.92
C TYR C 489 -15.00 30.81 -2.67
N LYS C 490 -16.15 31.45 -2.90
CA LYS C 490 -16.97 31.90 -1.77
C LYS C 490 -17.59 30.73 -1.01
N ASN C 491 -17.73 29.57 -1.65
CA ASN C 491 -18.26 28.38 -1.01
C ASN C 491 -17.18 27.48 -0.40
N CYS C 492 -15.92 27.94 -0.37
CA CYS C 492 -14.90 27.25 0.38
C CYS C 492 -15.15 27.39 1.89
N PRO C 493 -14.77 26.38 2.69
CA PRO C 493 -14.92 26.51 4.14
C PRO C 493 -14.07 27.63 4.70
N LYS C 494 -14.62 28.31 5.71
CA LYS C 494 -13.92 29.45 6.30
C LYS C 494 -12.68 29.00 7.07
N ALA C 495 -12.79 27.87 7.77
CA ALA C 495 -11.61 27.30 8.43
C ALA C 495 -10.56 26.87 7.43
N MET C 496 -10.99 26.41 6.26
CA MET C 496 -10.03 26.06 5.21
C MET C 496 -9.28 27.30 4.72
N LYS C 497 -9.99 28.42 4.53
CA LYS C 497 -9.34 29.66 4.15
C LYS C 497 -8.37 30.15 5.22
N ARG C 498 -8.79 30.07 6.49
CA ARG C 498 -7.89 30.42 7.59
C ARG C 498 -6.66 29.54 7.62
N LEU C 499 -6.83 28.23 7.36
CA LEU C 499 -5.71 27.30 7.38
C LEU C 499 -4.71 27.59 6.27
N VAL C 500 -5.20 27.76 5.03
CA VAL C 500 -4.29 28.04 3.93
C VAL C 500 -3.70 29.43 4.07
N ALA C 501 -4.39 30.33 4.79
CA ALA C 501 -3.85 31.66 5.02
C ALA C 501 -2.70 31.63 6.04
N ASP C 502 -2.87 30.91 7.15
CA ASP C 502 -1.81 31.02 8.16
C ASP C 502 -0.73 29.97 8.00
N CYS C 503 -0.87 29.03 7.06
CA CYS C 503 0.28 28.18 6.79
C CYS C 503 1.21 28.77 5.74
N VAL C 504 0.88 29.93 5.16
CA VAL C 504 1.74 30.56 4.17
C VAL C 504 2.30 31.86 4.74
N LYS C 505 2.36 31.96 6.06
CA LYS C 505 2.88 33.16 6.71
C LYS C 505 4.37 33.33 6.41
N LYS C 506 4.78 34.59 6.22
CA LYS C 506 6.18 34.90 5.96
C LYS C 506 7.07 34.63 7.17
N VAL C 507 6.50 34.67 8.38
CA VAL C 507 7.25 34.34 9.58
C VAL C 507 7.39 32.83 9.66
N LYS C 508 8.62 32.36 9.89
CA LYS C 508 8.88 30.93 9.98
C LYS C 508 8.19 30.32 11.20
N GLU C 509 8.18 31.03 12.32
CA GLU C 509 7.69 30.45 13.56
C GLU C 509 6.18 30.38 13.62
N GLU C 510 5.48 31.30 12.95
CA GLU C 510 4.03 31.38 13.08
C GLU C 510 3.27 30.29 12.34
N ARG C 511 3.95 29.53 11.48
CA ARG C 511 3.28 28.49 10.72
C ARG C 511 2.93 27.31 11.63
N PRO C 512 1.69 26.85 11.67
CA PRO C 512 1.33 25.76 12.58
C PRO C 512 1.91 24.43 12.13
N LEU C 513 2.08 23.54 13.11
CA LEU C 513 2.61 22.22 12.84
C LEU C 513 1.52 21.32 12.27
N PHE C 514 1.95 20.19 11.71
CA PHE C 514 1.04 19.26 11.08
C PHE C 514 -0.01 18.63 11.99
N PRO C 515 0.26 18.26 13.26
CA PRO C 515 -0.85 17.81 14.13
C PRO C 515 -1.99 18.82 14.26
N GLN C 516 -1.66 20.12 14.33
CA GLN C 516 -2.67 21.16 14.30
C GLN C 516 -3.46 21.13 13.00
N ILE C 517 -2.78 20.86 11.89
CA ILE C 517 -3.44 20.85 10.58
C ILE C 517 -4.40 19.68 10.46
N LEU C 518 -3.97 18.48 10.89
CA LEU C 518 -4.87 17.33 10.91
C LEU C 518 -6.05 17.55 11.84
N SER C 519 -5.81 18.17 13.00
CA SER C 519 -6.91 18.44 13.94
C SER C 519 -7.92 19.41 13.33
N SER C 520 -7.43 20.46 12.66
CA SER C 520 -8.33 21.42 12.02
C SER C 520 -9.11 20.78 10.88
N ILE C 521 -8.45 19.93 10.08
CA ILE C 521 -9.13 19.30 8.96
C ILE C 521 -10.19 18.31 9.43
N GLU C 522 -9.89 17.51 10.46
CA GLU C 522 -10.91 16.57 10.95
C GLU C 522 -12.05 17.33 11.63
N LEU C 523 -11.75 18.45 12.28
CA LEU C 523 -12.80 19.26 12.88
C LEU C 523 -13.73 19.83 11.80
N LEU C 524 -13.17 20.32 10.70
CA LEU C 524 -14.01 20.89 9.65
C LEU C 524 -14.73 19.80 8.87
N GLN C 525 -14.16 18.60 8.79
CA GLN C 525 -14.86 17.50 8.13
C GLN C 525 -16.03 17.02 8.97
N HIS C 526 -15.84 16.87 10.28
CA HIS C 526 -16.93 16.45 11.14
C HIS C 526 -17.94 17.56 11.37
N SER C 527 -17.55 18.82 11.11
CA SER C 527 -18.49 19.93 11.28
C SER C 527 -19.51 19.98 10.15
N LEU C 528 -19.14 19.52 8.96
CA LEU C 528 -20.04 19.59 7.82
C LEU C 528 -21.18 18.58 7.99
N PRO C 529 -22.45 19.01 7.86
CA PRO C 529 -23.61 18.13 8.02
C PRO C 529 -23.77 17.12 6.90
N LYS D 60 11.80 26.87 -50.35
CA LYS D 60 11.89 25.54 -50.95
C LYS D 60 11.45 24.48 -49.95
N VAL D 61 11.73 24.72 -48.67
CA VAL D 61 11.34 23.80 -47.61
C VAL D 61 9.84 23.86 -47.42
N GLY D 62 9.18 22.70 -47.53
CA GLY D 62 7.74 22.64 -47.35
C GLY D 62 7.34 22.39 -45.92
N GLU D 63 6.40 21.47 -45.71
CA GLU D 63 5.97 21.12 -44.37
C GLU D 63 7.05 20.30 -43.66
N LEU D 64 6.98 20.29 -42.33
CA LEU D 64 7.99 19.68 -41.49
C LEU D 64 7.37 18.59 -40.63
N LYS D 65 8.02 17.42 -40.58
CA LYS D 65 7.60 16.32 -39.72
C LYS D 65 8.83 15.74 -39.03
N ASP D 66 8.58 14.98 -37.97
CA ASP D 66 9.67 14.43 -37.16
C ASP D 66 10.48 13.39 -37.92
N ASP D 67 9.81 12.58 -38.76
CA ASP D 67 10.51 11.52 -39.47
C ASP D 67 11.39 12.04 -40.61
N ASP D 68 11.26 13.31 -40.98
CA ASP D 68 12.05 13.90 -42.05
C ASP D 68 13.43 14.36 -41.60
N PHE D 69 13.76 14.25 -40.32
CA PHE D 69 14.99 14.81 -39.77
C PHE D 69 15.92 13.69 -39.33
N GLU D 70 17.21 13.88 -39.59
CA GLU D 70 18.25 12.92 -39.25
C GLU D 70 19.21 13.59 -38.27
N LYS D 71 19.33 13.01 -37.07
CA LYS D 71 20.18 13.59 -36.03
C LYS D 71 21.64 13.43 -36.41
N ILE D 72 22.42 14.50 -36.30
CA ILE D 72 23.83 14.48 -36.64
C ILE D 72 24.69 14.70 -35.40
N SER D 73 24.50 15.84 -34.74
CA SER D 73 25.35 16.21 -33.62
C SER D 73 24.59 17.11 -32.66
N GLU D 74 25.16 17.27 -31.46
CA GLU D 74 24.56 18.07 -30.40
C GLU D 74 25.32 19.37 -30.26
N LEU D 75 24.59 20.48 -30.13
CA LEU D 75 25.22 21.78 -29.92
C LEU D 75 25.03 22.25 -28.48
N VAL D 82 17.64 21.42 -25.30
CA VAL D 82 18.76 20.74 -25.93
C VAL D 82 18.70 20.91 -27.45
N VAL D 83 19.88 21.02 -28.08
CA VAL D 83 19.97 21.29 -29.51
C VAL D 83 20.57 20.08 -30.19
N PHE D 84 19.89 19.59 -31.22
CA PHE D 84 20.43 18.54 -32.09
C PHE D 84 20.54 19.08 -33.51
N LYS D 85 21.74 19.00 -34.06
CA LYS D 85 21.96 19.39 -35.45
C LYS D 85 21.38 18.32 -36.36
N VAL D 86 20.49 18.74 -37.28
CA VAL D 86 19.71 17.83 -38.10
C VAL D 86 19.81 18.24 -39.56
N SER D 87 19.20 17.43 -40.43
CA SER D 87 19.05 17.75 -41.84
C SER D 87 17.75 17.15 -42.35
N HIS D 88 17.21 17.75 -43.41
CA HIS D 88 15.94 17.34 -43.99
C HIS D 88 16.24 16.52 -45.24
N LYS D 89 15.82 15.25 -45.22
CA LYS D 89 16.27 14.28 -46.21
C LYS D 89 15.82 14.60 -47.65
N PRO D 90 14.57 14.98 -47.94
CA PRO D 90 14.27 15.43 -49.31
C PRO D 90 15.05 16.65 -49.77
N SER D 91 15.39 17.59 -48.87
CA SER D 91 16.08 18.80 -49.28
C SER D 91 17.60 18.71 -49.14
N GLY D 92 18.10 18.22 -48.01
CA GLY D 92 19.52 18.06 -47.82
C GLY D 92 20.25 19.23 -47.21
N LEU D 93 19.53 20.17 -46.60
CA LEU D 93 20.14 21.30 -45.92
C LEU D 93 20.23 21.03 -44.43
N VAL D 94 21.26 21.60 -43.80
CA VAL D 94 21.51 21.39 -42.38
C VAL D 94 20.79 22.47 -41.59
N MET D 95 20.05 22.05 -40.56
CA MET D 95 19.34 22.96 -39.68
C MET D 95 19.72 22.68 -38.23
N ALA D 96 19.20 23.53 -37.34
CA ALA D 96 19.36 23.37 -35.90
C ALA D 96 17.98 23.19 -35.29
N ARG D 97 17.81 22.15 -34.48
CA ARG D 97 16.52 21.79 -33.90
C ARG D 97 16.66 21.79 -32.38
N LYS D 98 15.84 22.61 -31.72
CA LYS D 98 15.86 22.77 -30.28
C LYS D 98 14.58 22.22 -29.68
N LEU D 99 14.73 21.37 -28.66
CA LEU D 99 13.61 20.69 -28.02
C LEU D 99 13.40 21.26 -26.62
N ILE D 100 12.14 21.55 -26.29
CA ILE D 100 11.78 22.04 -24.96
C ILE D 100 10.58 21.19 -24.51
N HIS D 101 10.55 20.86 -23.23
CA HIS D 101 9.48 20.04 -22.66
C HIS D 101 8.45 20.95 -22.00
N LEU D 102 7.20 20.87 -22.46
CA LEU D 102 6.12 21.67 -21.90
C LEU D 102 4.99 20.77 -21.44
N GLU D 103 4.51 21.02 -20.22
CA GLU D 103 3.30 20.40 -19.70
C GLU D 103 2.16 21.42 -19.74
N ILE D 104 1.59 21.58 -20.94
CA ILE D 104 0.65 22.65 -21.25
C ILE D 104 -0.56 22.01 -21.92
N LYS D 105 -1.72 22.66 -21.78
CA LYS D 105 -2.96 22.21 -22.40
C LYS D 105 -2.85 22.20 -23.92
N PRO D 106 -3.59 21.30 -24.60
CA PRO D 106 -3.39 21.13 -26.05
C PRO D 106 -3.75 22.33 -26.90
N ALA D 107 -4.89 22.97 -26.65
CA ALA D 107 -5.31 24.12 -27.44
C ALA D 107 -4.34 25.28 -27.29
N ILE D 108 -3.74 25.41 -26.09
CA ILE D 108 -2.70 26.41 -25.89
C ILE D 108 -1.49 26.10 -26.78
N ARG D 109 -1.12 24.83 -26.92
CA ARG D 109 -0.02 24.50 -27.83
C ARG D 109 -0.39 24.75 -29.28
N ASN D 110 -1.66 24.57 -29.64
CA ASN D 110 -2.10 24.94 -30.98
C ASN D 110 -1.92 26.43 -31.23
N GLN D 111 -2.26 27.25 -30.23
CA GLN D 111 -2.01 28.69 -30.36
C GLN D 111 -0.51 29.00 -30.41
N ILE D 112 0.30 28.22 -29.68
CA ILE D 112 1.74 28.37 -29.75
C ILE D 112 2.24 28.13 -31.18
N ILE D 113 1.70 27.11 -31.84
CA ILE D 113 2.04 26.87 -33.24
C ILE D 113 1.57 28.04 -34.11
N ARG D 114 0.35 28.54 -33.87
CA ARG D 114 -0.23 29.57 -34.73
C ARG D 114 0.54 30.87 -34.68
N GLU D 115 0.97 31.30 -33.50
CA GLU D 115 1.83 32.49 -33.44
C GLU D 115 3.32 32.17 -33.31
N LEU D 116 3.74 30.92 -33.52
CA LEU D 116 5.12 30.70 -33.97
C LEU D 116 5.21 30.67 -35.48
N GLN D 117 4.07 30.63 -36.16
CA GLN D 117 4.05 30.93 -37.60
C GLN D 117 4.36 32.40 -37.89
N VAL D 118 4.40 33.26 -36.87
CA VAL D 118 4.64 34.69 -37.04
C VAL D 118 6.04 34.95 -37.60
N LEU D 119 7.01 34.09 -37.28
CA LEU D 119 8.40 34.32 -37.70
C LEU D 119 8.63 34.11 -39.19
N HIS D 120 7.57 33.83 -39.98
CA HIS D 120 7.74 33.70 -41.42
C HIS D 120 8.11 35.04 -42.07
N GLU D 121 7.59 36.14 -41.54
CA GLU D 121 7.89 37.48 -42.06
C GLU D 121 9.11 38.10 -41.40
N CYS D 122 9.80 37.38 -40.53
CA CYS D 122 10.98 37.91 -39.85
C CYS D 122 12.22 37.53 -40.66
N ASN D 123 12.63 38.41 -41.57
CA ASN D 123 13.85 38.21 -42.34
C ASN D 123 14.70 39.48 -42.30
N SER D 124 15.99 39.31 -42.05
CA SER D 124 16.97 40.38 -41.93
C SER D 124 18.36 39.76 -41.90
N PRO D 125 19.41 40.50 -42.30
CA PRO D 125 20.78 39.97 -42.17
C PRO D 125 21.27 39.87 -40.73
N TYR D 126 20.46 40.24 -39.74
CA TYR D 126 20.88 40.22 -38.34
C TYR D 126 19.94 39.39 -37.45
N ILE D 127 19.06 38.60 -38.05
CA ILE D 127 18.13 37.76 -37.31
C ILE D 127 18.23 36.34 -37.87
N VAL D 128 18.25 35.34 -36.97
CA VAL D 128 18.42 33.95 -37.39
C VAL D 128 17.22 33.52 -38.24
N GLY D 129 17.51 32.94 -39.40
CA GLY D 129 16.45 32.51 -40.30
C GLY D 129 15.62 31.40 -39.70
N PHE D 130 14.34 31.39 -40.07
CA PHE D 130 13.36 30.47 -39.52
C PHE D 130 12.74 29.64 -40.64
N TYR D 131 12.54 28.36 -40.37
CA TYR D 131 12.02 27.43 -41.35
C TYR D 131 10.63 26.91 -41.01
N GLY D 132 10.45 26.36 -39.82
CA GLY D 132 9.14 25.85 -39.44
C GLY D 132 9.15 25.38 -38.00
N ALA D 133 7.95 25.10 -37.50
CA ALA D 133 7.75 24.59 -36.15
C ALA D 133 6.63 23.57 -36.17
N PHE D 134 6.76 22.53 -35.34
CA PHE D 134 5.76 21.48 -35.28
C PHE D 134 5.81 20.82 -33.91
N TYR D 135 4.77 20.05 -33.62
CA TYR D 135 4.62 19.36 -32.34
C TYR D 135 4.60 17.86 -32.57
N SER D 136 5.42 17.13 -31.82
CA SER D 136 5.53 15.69 -31.99
C SER D 136 6.05 15.07 -30.70
N ASP D 137 5.44 13.92 -30.34
CA ASP D 137 5.89 13.07 -29.23
C ASP D 137 5.89 13.81 -27.88
N GLY D 138 4.96 14.75 -27.70
CA GLY D 138 4.91 15.51 -26.47
C GLY D 138 5.95 16.60 -26.35
N GLU D 139 6.72 16.86 -27.41
CA GLU D 139 7.78 17.85 -27.39
C GLU D 139 7.53 18.89 -28.46
N ILE D 140 7.68 20.16 -28.09
CA ILE D 140 7.61 21.23 -29.08
C ILE D 140 8.93 21.26 -29.85
N SER D 141 8.84 21.28 -31.17
CA SER D 141 10.00 21.23 -32.04
C SER D 141 10.11 22.55 -32.80
N ILE D 142 11.17 23.30 -32.53
CA ILE D 142 11.46 24.54 -33.22
C ILE D 142 12.67 24.30 -34.13
N CYS D 143 12.61 24.83 -35.35
CA CYS D 143 13.64 24.61 -36.35
C CYS D 143 14.14 25.93 -36.88
N MET D 144 15.47 26.09 -36.91
CA MET D 144 16.10 27.30 -37.38
C MET D 144 17.26 26.95 -38.29
N GLU D 145 17.80 27.96 -38.96
CA GLU D 145 18.94 27.76 -39.85
C GLU D 145 20.18 27.40 -39.06
N HIS D 146 20.86 26.32 -39.47
CA HIS D 146 22.14 25.99 -38.88
C HIS D 146 23.17 27.05 -39.26
N MET D 147 23.99 27.43 -38.29
CA MET D 147 24.86 28.59 -38.46
C MET D 147 26.08 28.34 -37.56
N ASP D 148 27.17 27.90 -38.17
CA ASP D 148 28.10 26.96 -37.54
C ASP D 148 29.13 27.58 -36.61
N GLY D 149 29.28 28.90 -36.61
CA GLY D 149 30.34 29.49 -35.79
C GLY D 149 30.08 29.48 -34.30
N GLY D 150 28.85 29.20 -33.88
CA GLY D 150 28.54 29.10 -32.46
C GLY D 150 28.27 30.44 -31.81
N SER D 151 27.78 30.35 -30.57
CA SER D 151 27.41 31.54 -29.81
C SER D 151 28.65 32.23 -29.25
N LEU D 152 28.44 33.44 -28.72
CA LEU D 152 29.54 34.20 -28.14
C LEU D 152 30.04 33.60 -26.83
N ASP D 153 29.25 32.75 -26.19
CA ASP D 153 29.73 32.08 -24.99
C ASP D 153 30.77 31.02 -25.33
N GLN D 154 30.52 30.22 -26.36
CA GLN D 154 31.50 29.24 -26.81
C GLN D 154 32.76 29.91 -27.37
N VAL D 155 32.58 31.00 -28.12
CA VAL D 155 33.71 31.75 -28.64
C VAL D 155 34.49 32.40 -27.50
N LEU D 156 33.79 32.84 -26.45
CA LEU D 156 34.46 33.41 -25.30
C LEU D 156 35.27 32.37 -24.54
N LYS D 157 34.73 31.15 -24.39
CA LYS D 157 35.50 30.10 -23.74
C LYS D 157 36.71 29.69 -24.57
N LYS D 158 36.55 29.61 -25.89
CA LYS D 158 37.66 29.16 -26.74
C LYS D 158 38.75 30.22 -26.87
N ALA D 159 38.37 31.46 -27.13
CA ALA D 159 39.33 32.52 -27.43
C ALA D 159 39.84 33.24 -26.20
N GLY D 160 39.26 33.01 -25.03
CA GLY D 160 39.72 33.67 -23.82
C GLY D 160 39.27 35.11 -23.72
N ARG D 161 39.82 35.98 -24.56
CA ARG D 161 39.46 37.39 -24.56
C ARG D 161 38.73 37.70 -25.87
N ILE D 162 38.06 38.85 -25.90
CA ILE D 162 37.47 39.39 -27.12
C ILE D 162 37.99 40.81 -27.29
N PRO D 163 38.65 41.12 -28.42
CA PRO D 163 39.16 42.49 -28.61
C PRO D 163 38.05 43.50 -28.85
N GLU D 164 38.45 44.78 -28.86
CA GLU D 164 37.49 45.87 -28.78
C GLU D 164 36.78 46.12 -30.12
N GLN D 165 37.46 45.88 -31.23
CA GLN D 165 36.83 46.08 -32.53
C GLN D 165 35.75 45.04 -32.82
N ILE D 166 35.96 43.79 -32.38
CA ILE D 166 34.90 42.79 -32.44
C ILE D 166 33.74 43.19 -31.54
N LEU D 167 34.04 43.81 -30.40
CA LEU D 167 32.98 44.33 -29.53
C LEU D 167 32.18 45.41 -30.24
N GLY D 168 32.85 46.29 -30.98
CA GLY D 168 32.14 47.29 -31.77
C GLY D 168 31.26 46.68 -32.84
N LYS D 169 31.78 45.65 -33.54
CA LYS D 169 31.00 44.99 -34.57
C LYS D 169 29.76 44.30 -34.01
N VAL D 170 29.91 43.60 -32.88
CA VAL D 170 28.76 42.89 -32.31
C VAL D 170 27.76 43.89 -31.73
N SER D 171 28.26 45.03 -31.22
CA SER D 171 27.35 46.07 -30.75
C SER D 171 26.55 46.65 -31.90
N ILE D 172 27.20 46.91 -33.04
CA ILE D 172 26.49 47.40 -34.22
C ILE D 172 25.46 46.39 -34.67
N ALA D 173 25.82 45.11 -34.67
CA ALA D 173 24.91 44.06 -35.10
C ALA D 173 23.66 43.98 -34.21
N VAL D 174 23.86 44.00 -32.88
CA VAL D 174 22.72 43.85 -31.99
C VAL D 174 21.85 45.10 -31.99
N ILE D 175 22.45 46.29 -32.13
CA ILE D 175 21.65 47.51 -32.16
C ILE D 175 20.84 47.61 -33.44
N LYS D 176 21.44 47.23 -34.58
CA LYS D 176 20.67 47.22 -35.84
C LYS D 176 19.57 46.17 -35.82
N GLY D 177 19.83 45.02 -35.19
CA GLY D 177 18.78 44.03 -35.04
C GLY D 177 17.62 44.52 -34.19
N LEU D 178 17.93 45.22 -33.09
CA LEU D 178 16.87 45.77 -32.25
C LEU D 178 16.08 46.86 -32.98
N THR D 179 16.76 47.72 -33.74
CA THR D 179 16.05 48.73 -34.53
C THR D 179 15.16 48.09 -35.58
N TYR D 180 15.64 47.03 -36.24
CA TYR D 180 14.83 46.30 -37.21
C TYR D 180 13.58 45.71 -36.55
N LEU D 181 13.75 45.10 -35.38
CA LEU D 181 12.62 44.48 -34.70
C LEU D 181 11.61 45.53 -34.26
N ARG D 182 12.09 46.68 -33.76
CA ARG D 182 11.21 47.78 -33.40
C ARG D 182 10.43 48.29 -34.61
N GLU D 183 11.12 48.52 -35.73
CA GLU D 183 10.46 49.17 -36.85
C GLU D 183 9.62 48.22 -37.69
N LYS D 184 9.79 46.90 -37.54
CA LYS D 184 9.06 45.97 -38.39
C LYS D 184 8.10 45.05 -37.66
N HIS D 185 8.25 44.85 -36.35
CA HIS D 185 7.36 43.94 -35.63
C HIS D 185 6.81 44.48 -34.32
N LYS D 186 7.35 45.60 -33.81
CA LYS D 186 6.89 46.26 -32.59
C LYS D 186 6.97 45.35 -31.37
N ILE D 187 7.91 44.40 -31.36
CA ILE D 187 8.14 43.50 -30.24
C ILE D 187 9.59 43.62 -29.79
N MET D 188 9.92 42.89 -28.73
CA MET D 188 11.20 43.06 -28.05
C MET D 188 11.85 41.70 -27.78
N HIS D 189 13.09 41.75 -27.30
CA HIS D 189 13.92 40.56 -27.18
C HIS D 189 13.84 39.94 -25.79
N ARG D 190 13.98 40.78 -24.75
CA ARG D 190 13.74 40.48 -23.34
C ARG D 190 14.79 39.59 -22.68
N ASP D 191 15.68 38.98 -23.47
CA ASP D 191 16.61 37.95 -23.00
C ASP D 191 18.01 38.17 -23.58
N VAL D 192 18.52 39.39 -23.48
CA VAL D 192 19.84 39.67 -24.04
C VAL D 192 20.91 39.08 -23.15
N LYS D 193 21.63 38.09 -23.67
CA LYS D 193 22.75 37.41 -23.02
C LYS D 193 23.54 36.72 -24.13
N PRO D 194 24.88 36.60 -24.00
CA PRO D 194 25.68 36.19 -25.18
C PRO D 194 25.44 34.76 -25.65
N SER D 195 24.74 33.94 -24.87
CA SER D 195 24.34 32.63 -25.35
C SER D 195 23.32 32.71 -26.47
N ASN D 196 22.58 33.82 -26.58
CA ASN D 196 21.50 33.96 -27.55
C ASN D 196 21.91 34.73 -28.80
N ILE D 197 23.18 35.13 -28.92
CA ILE D 197 23.69 35.75 -30.13
C ILE D 197 24.64 34.75 -30.79
N LEU D 198 24.44 34.49 -32.08
CA LEU D 198 25.22 33.51 -32.82
C LEU D 198 26.14 34.20 -33.82
N VAL D 199 27.19 33.49 -34.22
CA VAL D 199 28.18 33.97 -35.17
C VAL D 199 28.27 32.94 -36.30
N ASN D 200 28.41 33.44 -37.53
CA ASN D 200 28.51 32.59 -38.71
C ASN D 200 29.95 32.63 -39.22
N SER D 201 30.29 31.62 -40.04
CA SER D 201 31.63 31.56 -40.63
C SER D 201 31.86 32.64 -41.68
N ARG D 202 30.79 33.22 -42.23
CA ARG D 202 30.91 34.28 -43.21
C ARG D 202 30.87 35.67 -42.59
N GLY D 203 30.91 35.76 -41.26
CA GLY D 203 31.08 37.03 -40.58
C GLY D 203 29.81 37.74 -40.17
N GLU D 204 28.64 37.22 -40.53
CA GLU D 204 27.39 37.87 -40.14
C GLU D 204 27.02 37.45 -38.72
N ILE D 205 26.43 38.40 -37.99
CA ILE D 205 26.07 38.21 -36.59
C ILE D 205 24.56 38.34 -36.47
N LYS D 206 23.89 37.21 -36.22
CA LYS D 206 22.43 37.17 -36.17
C LYS D 206 21.95 37.06 -34.74
N LEU D 207 20.66 37.31 -34.56
CA LEU D 207 19.98 37.25 -33.26
C LEU D 207 18.89 36.19 -33.29
N CYS D 208 18.58 35.63 -32.12
CA CYS D 208 17.52 34.63 -32.02
C CYS D 208 16.97 34.59 -30.60
N ASP D 209 16.08 33.62 -30.37
CA ASP D 209 15.58 33.26 -29.03
C ASP D 209 14.84 34.42 -28.37
N PHE D 210 14.06 35.15 -29.15
CA PHE D 210 13.34 36.31 -28.64
C PHE D 210 11.88 35.99 -28.36
N GLY D 211 11.23 36.88 -27.61
CA GLY D 211 9.87 36.70 -27.13
C GLY D 211 8.78 37.06 -28.12
N VAL D 212 8.48 36.15 -29.04
CA VAL D 212 7.60 36.48 -30.15
C VAL D 212 6.12 36.32 -29.78
N SER D 213 5.78 35.49 -28.80
CA SER D 213 4.38 35.16 -28.52
C SER D 213 4.20 34.94 -27.03
N GLY D 214 3.38 35.80 -26.41
CA GLY D 214 3.30 35.87 -24.95
C GLY D 214 2.83 34.59 -24.29
N GLN D 215 2.05 33.77 -25.00
CA GLN D 215 1.63 32.48 -24.45
C GLN D 215 2.83 31.56 -24.26
N LEU D 216 3.84 31.68 -25.13
CA LEU D 216 5.03 30.85 -24.99
C LEU D 216 5.87 31.30 -23.80
N ILE D 217 5.92 32.61 -23.54
CA ILE D 217 6.56 33.10 -22.31
C ILE D 217 5.82 32.59 -21.09
N ASP D 218 4.48 32.62 -21.13
CA ASP D 218 3.68 32.14 -20.01
C ASP D 218 3.87 30.64 -19.79
N ALA D 219 4.05 29.89 -20.87
CA ALA D 219 4.28 28.46 -20.77
C ALA D 219 5.68 28.13 -20.27
N MET D 220 6.70 28.85 -20.75
CA MET D 220 8.08 28.62 -20.30
C MET D 220 8.41 29.30 -18.98
N ALA D 221 7.48 30.04 -18.36
CA ALA D 221 7.79 30.82 -17.16
C ALA D 221 7.97 29.99 -15.90
N ASN D 222 8.14 28.68 -16.03
CA ASN D 222 8.37 27.79 -14.90
C ASN D 222 9.82 27.34 -14.74
N ALA D 223 10.45 26.78 -15.78
CA ALA D 223 11.78 26.20 -15.68
C ALA D 223 12.75 26.99 -16.53
N PHE D 224 13.90 27.35 -15.96
CA PHE D 224 14.90 28.13 -16.69
C PHE D 224 16.34 27.68 -16.45
N VAL D 225 16.54 26.76 -15.50
CA VAL D 225 17.83 26.49 -14.87
C VAL D 225 18.37 27.82 -14.37
N GLY D 226 19.10 28.54 -15.22
CA GLY D 226 19.49 29.93 -15.01
C GLY D 226 20.14 30.29 -13.69
N THR D 227 21.38 29.83 -13.48
CA THR D 227 22.09 30.14 -12.24
C THR D 227 22.39 31.62 -12.11
N ARG D 228 22.69 32.29 -13.23
CA ARG D 228 22.89 33.72 -13.24
C ARG D 228 21.69 34.43 -13.86
N SER D 229 21.77 35.76 -13.94
CA SER D 229 20.70 36.57 -14.50
C SER D 229 21.27 37.91 -14.94
N TYR D 230 21.04 38.26 -16.21
CA TYR D 230 21.39 39.59 -16.74
C TYR D 230 20.14 40.45 -16.91
N MET D 231 19.19 40.32 -15.99
CA MET D 231 17.90 40.99 -16.06
C MET D 231 18.02 42.42 -15.54
N SER D 232 17.26 43.33 -16.14
CA SER D 232 17.35 44.74 -15.80
C SER D 232 16.78 45.01 -14.41
N PRO D 233 17.29 46.03 -13.72
CA PRO D 233 16.80 46.32 -12.35
C PRO D 233 15.34 46.70 -12.29
N GLU D 234 14.88 47.54 -13.23
CA GLU D 234 13.50 48.00 -13.22
C GLU D 234 12.50 46.89 -13.53
N ARG D 235 12.95 45.79 -14.14
CA ARG D 235 12.10 44.64 -14.36
C ARG D 235 12.18 43.64 -13.21
N LEU D 236 12.63 44.08 -12.03
CA LEU D 236 12.65 43.23 -10.86
C LEU D 236 11.58 43.61 -9.83
N GLN D 237 11.00 44.80 -9.95
CA GLN D 237 9.86 45.19 -9.13
C GLN D 237 8.60 45.44 -9.94
N GLY D 238 8.65 45.25 -11.26
CA GLY D 238 7.45 45.30 -12.08
C GLY D 238 7.05 46.66 -12.59
N THR D 239 8.01 47.56 -12.84
CA THR D 239 7.71 48.88 -13.39
C THR D 239 7.54 48.79 -14.90
N HIS D 240 7.49 49.95 -15.56
CA HIS D 240 7.42 50.00 -17.02
C HIS D 240 8.70 49.46 -17.63
N TYR D 241 8.55 48.75 -18.75
CA TYR D 241 9.68 48.18 -19.47
C TYR D 241 9.59 48.52 -20.95
N SER D 242 10.75 48.60 -21.59
CA SER D 242 10.86 48.94 -23.00
C SER D 242 12.17 48.34 -23.51
N VAL D 243 12.63 48.81 -24.66
CA VAL D 243 13.89 48.36 -25.24
C VAL D 243 15.10 48.83 -24.43
N GLN D 244 14.89 49.76 -23.48
CA GLN D 244 15.96 50.24 -22.63
C GLN D 244 16.51 49.13 -21.75
N SER D 245 15.64 48.20 -21.31
CA SER D 245 16.10 47.04 -20.55
C SER D 245 17.00 46.16 -21.40
N ASP D 246 16.65 45.96 -22.68
CA ASP D 246 17.51 45.21 -23.59
C ASP D 246 18.84 45.93 -23.81
N ILE D 247 18.80 47.27 -23.84
CA ILE D 247 20.03 48.05 -23.96
C ILE D 247 20.92 47.84 -22.75
N TRP D 248 20.32 47.83 -21.55
CA TRP D 248 21.09 47.61 -20.32
C TRP D 248 21.69 46.21 -20.28
N SER D 249 20.91 45.20 -20.66
CA SER D 249 21.43 43.83 -20.70
C SER D 249 22.50 43.68 -21.76
N MET D 250 22.38 44.44 -22.85
CA MET D 250 23.44 44.51 -23.85
C MET D 250 24.71 45.11 -23.26
N GLY D 251 24.57 46.12 -22.40
CA GLY D 251 25.73 46.67 -21.71
C GLY D 251 26.40 45.65 -20.81
N LEU D 252 25.61 44.90 -20.04
CA LEU D 252 26.17 43.83 -19.21
C LEU D 252 26.88 42.77 -20.06
N SER D 253 26.27 42.39 -21.20
CA SER D 253 26.90 41.39 -22.05
C SER D 253 28.21 41.88 -22.63
N LEU D 254 28.23 43.13 -23.13
CA LEU D 254 29.45 43.69 -23.71
C LEU D 254 30.56 43.82 -22.67
N VAL D 255 30.18 44.17 -21.44
CA VAL D 255 31.19 44.24 -20.33
C VAL D 255 31.62 42.81 -19.99
N GLU D 256 30.65 41.90 -19.84
CA GLU D 256 30.98 40.50 -19.48
C GLU D 256 32.07 39.98 -20.43
N MET D 257 31.82 40.01 -21.74
CA MET D 257 32.80 39.46 -22.71
C MET D 257 34.03 40.38 -22.77
N ALA D 258 33.83 41.70 -22.70
CA ALA D 258 34.96 42.62 -22.69
C ALA D 258 36.05 42.13 -21.77
N VAL D 259 35.68 41.60 -20.61
CA VAL D 259 36.66 41.13 -19.63
C VAL D 259 36.69 39.60 -19.51
N GLY D 260 35.62 38.91 -19.93
CA GLY D 260 35.64 37.46 -19.91
C GLY D 260 35.19 36.81 -18.63
N ARG D 261 34.62 37.58 -17.71
CA ARG D 261 34.18 37.10 -16.42
C ARG D 261 33.23 38.15 -15.88
N TYR D 262 32.50 37.82 -14.81
CA TYR D 262 31.79 38.84 -14.06
C TYR D 262 32.82 39.47 -13.13
N PRO D 263 33.39 40.65 -13.48
CA PRO D 263 34.66 41.10 -12.90
C PRO D 263 34.58 41.67 -11.49
N ILE D 264 33.86 40.97 -10.61
CA ILE D 264 33.75 41.34 -9.21
C ILE D 264 33.89 40.08 -8.38
N MET D 309 26.97 33.86 -3.51
CA MET D 309 27.03 33.67 -4.95
C MET D 309 25.72 33.06 -5.45
N ALA D 310 24.74 32.93 -4.57
CA ALA D 310 23.43 32.45 -4.96
C ALA D 310 22.70 33.52 -5.79
N ILE D 311 21.71 33.07 -6.57
CA ILE D 311 21.08 33.91 -7.59
C ILE D 311 20.37 35.12 -6.96
N PHE D 312 19.74 34.91 -5.80
CA PHE D 312 19.08 36.01 -5.09
C PHE D 312 20.07 37.09 -4.70
N GLU D 313 21.31 36.72 -4.40
CA GLU D 313 22.35 37.73 -4.14
C GLU D 313 22.69 38.50 -5.40
N LEU D 314 22.67 37.86 -6.57
CA LEU D 314 22.90 38.62 -7.81
C LEU D 314 21.77 39.60 -8.07
N LEU D 315 20.51 39.21 -7.85
CA LEU D 315 19.43 40.18 -8.03
C LEU D 315 19.49 41.31 -7.01
N ASP D 316 19.89 41.01 -5.77
CA ASP D 316 20.13 42.04 -4.77
C ASP D 316 21.22 43.00 -5.22
N TYR D 317 22.28 42.43 -5.81
CA TYR D 317 23.44 43.19 -6.28
C TYR D 317 23.06 44.09 -7.44
N ILE D 318 22.15 43.61 -8.31
CA ILE D 318 21.66 44.42 -9.40
C ILE D 318 20.81 45.57 -8.88
N VAL D 319 19.93 45.30 -7.91
CA VAL D 319 18.91 46.31 -7.59
C VAL D 319 19.47 47.42 -6.71
N ASN D 320 20.30 47.09 -5.70
CA ASN D 320 20.53 48.11 -4.67
C ASN D 320 21.79 48.94 -4.83
N GLU D 321 22.76 48.55 -5.65
CA GLU D 321 23.93 49.40 -5.72
C GLU D 321 24.52 49.44 -7.13
N PRO D 322 25.22 50.53 -7.52
CA PRO D 322 25.43 50.79 -8.94
C PRO D 322 26.40 49.80 -9.57
N PRO D 323 26.36 49.65 -10.90
CA PRO D 323 27.23 48.68 -11.56
C PRO D 323 28.68 49.15 -11.55
N PRO D 324 29.65 48.25 -11.74
CA PRO D 324 31.05 48.63 -11.67
C PRO D 324 31.51 49.38 -12.91
N LYS D 325 32.73 49.91 -12.83
CA LYS D 325 33.37 50.64 -13.91
C LYS D 325 34.57 49.84 -14.41
N LEU D 326 34.83 49.93 -15.71
CA LEU D 326 36.06 49.39 -16.27
C LEU D 326 37.20 50.36 -16.04
N PRO D 327 38.43 49.87 -15.86
CA PRO D 327 39.59 50.77 -15.78
C PRO D 327 39.83 51.49 -17.09
N SER D 328 40.37 52.71 -16.99
CA SER D 328 40.60 53.52 -18.18
C SER D 328 41.88 53.12 -18.91
N GLY D 329 42.78 52.41 -18.23
CA GLY D 329 44.06 52.09 -18.83
C GLY D 329 44.03 50.91 -19.78
N VAL D 330 42.96 50.13 -19.77
CA VAL D 330 42.92 48.91 -20.56
C VAL D 330 42.10 49.09 -21.83
N PHE D 331 41.16 50.04 -21.86
CA PHE D 331 40.36 50.31 -23.03
C PHE D 331 40.27 51.81 -23.29
N SER D 332 39.96 52.15 -24.54
CA SER D 332 39.81 53.55 -24.94
C SER D 332 38.62 54.19 -24.25
N LEU D 333 38.71 55.52 -24.07
CA LEU D 333 37.80 56.25 -23.19
C LEU D 333 36.36 56.21 -23.67
N GLU D 334 36.16 56.25 -25.00
CA GLU D 334 34.81 56.21 -25.54
C GLU D 334 34.12 54.86 -25.30
N PHE D 335 34.90 53.80 -25.07
CA PHE D 335 34.29 52.52 -24.70
C PHE D 335 33.68 52.59 -23.30
N GLN D 336 34.42 53.18 -22.34
CA GLN D 336 33.83 53.39 -21.02
C GLN D 336 32.67 54.37 -21.07
N ASP D 337 32.74 55.37 -21.95
CA ASP D 337 31.61 56.28 -22.12
C ASP D 337 30.39 55.52 -22.63
N PHE D 338 30.59 54.62 -23.60
CA PHE D 338 29.51 53.81 -24.16
C PHE D 338 28.88 52.94 -23.08
N VAL D 339 29.70 52.24 -22.29
CA VAL D 339 29.12 51.32 -21.32
C VAL D 339 28.47 52.07 -20.16
N ASN D 340 29.07 53.19 -19.71
CA ASN D 340 28.45 53.93 -18.62
C ASN D 340 27.20 54.68 -19.06
N LYS D 341 27.05 54.94 -20.36
CA LYS D 341 25.74 55.35 -20.84
C LYS D 341 24.79 54.17 -20.96
N CYS D 342 25.32 52.96 -21.18
CA CYS D 342 24.48 51.77 -21.17
C CYS D 342 24.21 51.24 -19.76
N LEU D 343 24.99 51.66 -18.76
CA LEU D 343 24.82 51.24 -17.39
C LEU D 343 24.32 52.34 -16.47
N ILE D 344 23.34 53.12 -16.93
CA ILE D 344 22.66 54.07 -16.06
C ILE D 344 21.48 53.37 -15.39
N LYS D 345 21.35 53.56 -14.08
CA LYS D 345 20.24 52.94 -13.35
C LYS D 345 18.90 53.56 -13.72
N ASN D 346 18.86 54.86 -13.97
CA ASN D 346 17.60 55.54 -14.26
C ASN D 346 17.12 55.13 -15.65
N PRO D 347 15.89 54.63 -15.79
CA PRO D 347 15.39 54.23 -17.12
C PRO D 347 15.28 55.39 -18.10
N ALA D 348 14.91 56.58 -17.62
CA ALA D 348 14.78 57.72 -18.52
C ALA D 348 16.15 58.25 -18.94
N GLU D 349 17.12 58.24 -18.02
CA GLU D 349 18.43 58.78 -18.32
C GLU D 349 19.26 57.86 -19.22
N ARG D 350 18.87 56.60 -19.38
CA ARG D 350 19.56 55.72 -20.32
C ARG D 350 19.34 56.19 -21.75
N ALA D 351 20.41 56.18 -22.52
CA ALA D 351 20.34 56.60 -23.91
C ALA D 351 19.57 55.57 -24.73
N ASP D 352 18.68 56.06 -25.59
CA ASP D 352 17.88 55.19 -26.46
C ASP D 352 18.65 54.91 -27.74
N LEU D 353 18.02 54.16 -28.66
CA LEU D 353 18.72 53.62 -29.82
C LEU D 353 19.26 54.72 -30.74
N LYS D 354 18.48 55.79 -30.93
CA LYS D 354 18.93 56.89 -31.77
C LYS D 354 20.10 57.63 -31.14
N GLN D 355 20.25 57.55 -29.81
CA GLN D 355 21.40 58.17 -29.17
C GLN D 355 22.65 57.31 -29.34
N LEU D 356 22.52 55.98 -29.25
CA LEU D 356 23.69 55.14 -29.46
C LEU D 356 24.10 55.05 -30.92
N MET D 357 23.18 55.31 -31.86
CA MET D 357 23.60 55.26 -33.26
C MET D 357 24.39 56.48 -33.69
N VAL D 358 24.48 57.51 -32.86
CA VAL D 358 25.29 58.69 -33.17
C VAL D 358 26.45 58.87 -32.21
N HIS D 359 26.74 57.85 -31.39
CA HIS D 359 27.85 57.93 -30.44
C HIS D 359 29.16 57.75 -31.21
N ALA D 360 30.26 58.23 -30.62
CA ALA D 360 31.54 58.19 -31.32
C ALA D 360 32.02 56.78 -31.57
N PHE D 361 31.70 55.87 -30.65
CA PHE D 361 32.19 54.49 -30.73
C PHE D 361 31.57 53.76 -31.90
N ILE D 362 30.28 54.00 -32.19
CA ILE D 362 29.65 53.28 -33.28
C ILE D 362 30.18 53.77 -34.64
N LYS D 363 30.47 55.07 -34.77
CA LYS D 363 30.99 55.54 -36.05
C LYS D 363 32.43 55.14 -36.24
N ARG D 364 33.23 55.07 -35.17
CA ARG D 364 34.59 54.57 -35.36
C ARG D 364 34.60 53.07 -35.63
N SER D 365 33.65 52.33 -35.05
CA SER D 365 33.58 50.89 -35.31
C SER D 365 33.08 50.61 -36.71
N ASP D 366 32.12 51.39 -37.20
CA ASP D 366 31.64 51.23 -38.57
C ASP D 366 32.69 51.70 -39.56
N ALA D 367 33.52 52.68 -39.18
CA ALA D 367 34.62 53.11 -40.04
C ALA D 367 35.74 52.08 -40.07
N GLU D 368 35.90 51.29 -39.01
CA GLU D 368 36.93 50.26 -38.99
C GLU D 368 36.60 49.13 -39.95
N GLU D 369 37.63 48.64 -40.65
CA GLU D 369 37.54 47.47 -41.51
C GLU D 369 38.32 46.36 -40.83
N VAL D 370 37.59 45.35 -40.34
CA VAL D 370 38.16 44.28 -39.52
C VAL D 370 37.91 42.95 -40.20
N ASP D 371 38.96 42.13 -40.28
CA ASP D 371 38.85 40.75 -40.80
C ASP D 371 38.28 39.81 -39.74
N PHE D 372 37.01 40.09 -39.39
CA PHE D 372 36.30 39.31 -38.37
C PHE D 372 36.10 37.87 -38.80
N ALA D 373 35.74 37.64 -40.07
CA ALA D 373 35.55 36.29 -40.57
C ALA D 373 36.86 35.49 -40.55
N GLY D 374 37.95 36.13 -40.98
CA GLY D 374 39.24 35.46 -40.95
C GLY D 374 39.71 35.15 -39.54
N TRP D 375 39.46 36.08 -38.61
CA TRP D 375 39.88 35.85 -37.23
C TRP D 375 39.06 34.74 -36.58
N LEU D 376 37.75 34.68 -36.87
CA LEU D 376 36.95 33.60 -36.28
C LEU D 376 37.30 32.26 -36.89
N CYS D 377 37.63 32.23 -38.19
CA CYS D 377 38.05 30.97 -38.81
C CYS D 377 39.41 30.53 -38.30
N SER D 378 40.28 31.49 -37.97
CA SER D 378 41.54 31.14 -37.32
C SER D 378 41.30 30.64 -35.90
N THR D 379 40.29 31.19 -35.22
CA THR D 379 39.97 30.75 -33.87
C THR D 379 39.42 29.33 -33.85
N ILE D 380 38.49 29.02 -34.77
CA ILE D 380 37.90 27.69 -34.79
C ILE D 380 38.80 26.70 -35.54
N GLY D 381 39.66 27.19 -36.43
CA GLY D 381 40.57 26.33 -37.16
C GLY D 381 39.89 25.41 -38.16
N LEU D 382 39.13 25.99 -39.08
CA LEU D 382 38.40 25.23 -40.09
C LEU D 382 38.78 25.71 -41.47
N ASN D 383 38.68 24.80 -42.44
CA ASN D 383 39.06 25.04 -43.83
C ASN D 383 37.90 24.72 -44.76
N GLN D 384 36.71 25.22 -44.40
CA GLN D 384 35.45 24.98 -45.13
C GLN D 384 35.14 23.50 -45.32
C10 A1AHE E . -23.36 -32.18 18.40
C11 A1AHE E . -23.14 -31.17 17.47
C14 A1AHE E . -23.88 -28.64 19.89
C15 A1AHE E . -22.42 -28.71 20.13
C16 A1AHE E . -24.66 -28.15 21.04
C17 A1AHE E . -24.15 -27.63 22.23
C18 A1AHE E . -24.96 -27.20 23.27
C19 A1AHE E . -26.36 -27.26 23.18
C23 A1AHE E . -28.06 -29.86 25.83
C24 A1AHE E . -28.59 -29.51 27.09
C25 A1AHE E . -28.60 -28.17 27.42
C26 A1AHE E . -28.09 -27.25 26.49
C28 A1AHE E . -26.93 -27.77 22.02
C29 A1AHE E . -26.06 -28.20 20.98
C01 A1AHE E . -18.82 -35.43 16.48
C07 A1AHE E . -21.60 -32.79 16.33
C09 A1AHE E . -22.72 -33.42 18.26
C12 A1AHE E . -23.82 -29.81 17.59
C13 A1AHE E . -24.48 -29.34 18.89
C21 A1AHE E . -27.57 -27.69 25.24
C31 A1AHE E . -25.92 -29.20 18.82
C33 A1AHE E . -22.24 -31.51 16.43
F27 A1AHE E . -28.12 -25.96 26.83
F34 A1AHE E . -21.96 -30.62 15.50
N02 A1AHE E . -20.07 -35.75 15.75
N06 A1AHE E . -20.70 -33.19 15.32
N08 A1AHE E . -21.87 -33.75 17.27
N22 A1AHE E . -27.57 -29.01 24.93
O04 A1AHE E . -22.04 -35.17 14.46
O05 A1AHE E . -19.82 -34.71 13.51
O20 A1AHE E . -27.08 -26.79 24.29
O30 A1AHE E . -26.67 -28.69 19.87
O32 A1AHE E . -26.63 -29.50 17.88
S03 A1AHE E . -20.71 -34.73 14.61
C10 A1AHE F . 11.45 34.62 -24.64
C11 A1AHE F . 10.67 33.59 -24.13
C14 A1AHE F . 11.71 31.45 -26.70
C15 A1AHE F . 12.76 31.20 -25.68
C16 A1AHE F . 12.07 31.10 -28.08
C17 A1AHE F . 13.20 30.37 -28.48
C18 A1AHE F . 13.47 30.06 -29.79
C19 A1AHE F . 12.63 30.49 -30.83
C23 A1AHE F . 14.46 33.20 -33.25
C24 A1AHE F . 14.75 33.00 -34.60
C25 A1AHE F . 14.43 31.77 -35.16
C26 A1AHE F . 13.85 30.79 -34.34
C28 A1AHE F . 11.50 31.24 -30.51
C29 A1AHE F . 11.25 31.52 -29.14
C01 A1AHE F . 13.95 34.50 -19.35
C07 A1AHE F . 11.13 34.60 -21.89
C09 A1AHE F . 12.02 35.57 -23.78
C12 A1AHE F . 10.03 32.56 -25.06
C13 A1AHE F . 10.61 32.20 -26.42
C21 A1AHE F . 13.59 31.07 -32.97
C31 A1AHE F . 9.78 32.54 -27.57
C33 A1AHE F . 10.52 33.61 -22.72
F27 A1AHE F . 13.56 29.62 -34.89
F34 A1AHE F . 9.78 32.67 -22.15
N02 A1AHE F . 13.23 35.79 -19.47
N06 A1AHE F . 10.99 34.66 -20.45
N08 A1AHE F . 11.88 35.58 -22.44
N22 A1AHE F . 13.91 32.27 -32.43
O04 A1AHE F . 11.28 37.15 -20.00
O05 A1AHE F . 11.17 35.58 -18.11
O20 A1AHE F . 13.03 30.12 -32.13
O30 A1AHE F . 10.14 32.24 -28.87
O32 A1AHE F . 8.71 33.12 -27.53
S03 A1AHE F . 11.57 35.88 -19.42
#